data_6O03
#
_entry.id   6O03
#
_cell.length_a   87.104
_cell.length_b   67.156
_cell.length_c   167.882
_cell.angle_alpha   90.00
_cell.angle_beta   96.22
_cell.angle_gamma   90.00
#
_symmetry.space_group_name_H-M   'C 1 2 1'
#
loop_
_entity.id
_entity.type
_entity.pdbx_description
1 polymer 'E3 ubiquitin-protein ligase CBL'
2 polymer 'Monobody (MC17)'
#
loop_
_entity_poly.entity_id
_entity_poly.type
_entity_poly.pdbx_seq_one_letter_code
_entity_poly.pdbx_strand_id
1 'polypeptide(L)'
;GSPPGTVDKKMVEKCWKLMDKVVRLCQNPKLALKNSPPYILDLLPDTYQHLRTILSRYEGKMETLGENEYFRVFMENLMK
KTKQTISLFKEGKERMYEENSQPRRNLTKLSLIFSHMLAELKGIFPSGLFQGDTFRITKADAAEFWRKAFGEKTIVPWKS
FRQALHEVHPISSGLEAMALKSTIDLTCNDYISVFEFDIFTRLFQPWSSLLRNWNSLAVTHPGYMAFLTYDEVKARLQKF
IHKPGSYIFRLSCTRLGQWAIEYVTADGNILQTIPHNKPLFQALIDGFREGFYLFPDGRNQNPDLTGLC
;
B,A
2 'polypeptide(L)'
;GSVSSVPTKLEVVAATPTSLLISWDAPAVTVFYYYITYGETGGNSPVQEFTVPGSKSTATISGLKPGVDYTITVYAMYYG
KVYSPISINYRT
;
C,D
#
# COMPACT_ATOMS: atom_id res chain seq x y z
N PRO A 4 -3.99 -29.14 30.51
CA PRO A 4 -5.21 -29.64 29.88
C PRO A 4 -5.67 -31.00 30.40
N GLY A 5 -6.28 -31.80 29.53
CA GLY A 5 -6.88 -33.04 29.97
C GLY A 5 -5.88 -34.05 30.48
N THR A 6 -6.29 -34.81 31.50
CA THR A 6 -5.46 -35.85 32.06
C THR A 6 -5.20 -36.96 31.04
N VAL A 7 -4.03 -37.57 31.14
CA VAL A 7 -3.56 -38.53 30.15
C VAL A 7 -3.99 -39.94 30.55
N ASP A 8 -4.61 -40.64 29.60
CA ASP A 8 -4.97 -42.05 29.76
C ASP A 8 -4.37 -42.83 28.61
N LYS A 9 -4.16 -44.13 28.83
CA LYS A 9 -3.42 -44.93 27.85
C LYS A 9 -4.26 -45.21 26.61
N LYS A 10 -5.59 -45.27 26.76
CA LYS A 10 -6.44 -45.55 25.60
C LYS A 10 -6.33 -44.44 24.57
N MET A 11 -6.24 -43.20 25.04
CA MET A 11 -6.21 -42.08 24.11
C MET A 11 -4.95 -42.14 23.26
N VAL A 12 -3.83 -42.62 23.82
CA VAL A 12 -2.63 -42.73 23.01
C VAL A 12 -2.71 -43.95 22.10
N GLU A 13 -3.47 -44.99 22.47
CA GLU A 13 -3.85 -45.99 21.47
C GLU A 13 -4.51 -45.32 20.27
N LYS A 14 -5.58 -44.54 20.52
CA LYS A 14 -6.18 -43.73 19.46
C LYS A 14 -5.12 -42.97 18.67
N CYS A 15 -4.20 -42.33 19.39
CA CYS A 15 -3.20 -41.48 18.76
C CYS A 15 -2.34 -42.26 17.78
N TRP A 16 -1.80 -43.41 18.21
CA TRP A 16 -1.04 -44.26 17.30
C TRP A 16 -1.86 -44.67 16.10
N LYS A 17 -3.12 -45.03 16.31
CA LYS A 17 -3.94 -45.31 15.13
C LYS A 17 -3.91 -44.14 14.16
N LEU A 18 -3.94 -42.91 14.68
CA LEU A 18 -3.90 -41.76 13.78
C LEU A 18 -2.54 -41.64 13.10
N MET A 19 -1.45 -41.81 13.84
CA MET A 19 -0.12 -41.71 13.24
C MET A 19 0.06 -42.78 12.18
N ASP A 20 -0.41 -43.98 12.44
CA ASP A 20 -0.36 -45.06 11.47
C ASP A 20 -1.23 -44.74 10.26
N LYS A 21 -2.37 -44.06 10.49
CA LYS A 21 -3.25 -43.73 9.38
C LYS A 21 -2.62 -42.65 8.49
N VAL A 22 -1.97 -41.67 9.11
CA VAL A 22 -1.19 -40.70 8.35
C VAL A 22 -0.06 -41.41 7.60
N VAL A 23 0.53 -42.45 8.22
CA VAL A 23 1.54 -43.22 7.51
C VAL A 23 0.93 -43.94 6.31
N ARG A 24 -0.33 -44.38 6.43
CA ARG A 24 -1.01 -44.96 5.27
C ARG A 24 -1.20 -43.92 4.18
N LEU A 25 -1.56 -42.69 4.58
CA LEU A 25 -1.81 -41.63 3.61
C LEU A 25 -0.53 -41.24 2.89
N CYS A 26 0.53 -40.95 3.64
CA CYS A 26 1.77 -40.43 3.08
C CYS A 26 2.55 -41.49 2.30
N GLN A 27 2.39 -42.76 2.65
CA GLN A 27 3.14 -43.79 1.93
C GLN A 27 2.63 -44.02 0.52
N ASN A 28 1.65 -43.26 0.06
CA ASN A 28 1.34 -43.24 -1.36
C ASN A 28 2.56 -42.80 -2.15
N PRO A 29 3.08 -43.62 -3.06
CA PRO A 29 4.23 -43.18 -3.88
C PRO A 29 3.85 -42.08 -4.84
N LYS A 30 2.56 -41.91 -5.12
CA LYS A 30 2.13 -40.85 -6.01
C LYS A 30 2.48 -39.49 -5.44
N LEU A 31 2.57 -39.36 -4.12
CA LEU A 31 3.12 -38.15 -3.53
C LEU A 31 4.58 -37.97 -3.90
N ALA A 32 5.34 -39.08 -3.97
CA ALA A 32 6.77 -39.06 -4.25
C ALA A 32 7.53 -38.21 -3.24
N LEU A 33 7.20 -38.40 -1.95
CA LEU A 33 7.81 -37.61 -0.89
C LEU A 33 9.33 -37.72 -0.94
N LYS A 34 9.99 -36.58 -0.79
CA LYS A 34 11.44 -36.52 -0.67
C LYS A 34 11.86 -36.67 0.80
N ASN A 35 12.94 -37.35 1.11
CA ASN A 35 13.27 -37.34 2.53
C ASN A 35 13.92 -35.97 2.58
N SER A 36 13.21 -34.94 3.07
CA SER A 36 13.82 -33.62 3.05
C SER A 36 15.07 -33.51 3.88
N PRO A 37 15.06 -33.77 5.18
CA PRO A 37 13.93 -33.84 6.13
C PRO A 37 13.49 -32.43 6.38
N PRO A 38 12.35 -32.20 7.04
CA PRO A 38 11.44 -33.15 7.68
C PRO A 38 10.83 -34.11 6.66
N TYR A 39 10.95 -35.40 6.95
CA TYR A 39 10.43 -36.45 6.09
C TYR A 39 8.97 -36.76 6.41
N ILE A 40 8.55 -36.45 7.62
CA ILE A 40 7.18 -36.70 8.05
C ILE A 40 7.00 -38.20 8.27
N LEU A 41 7.31 -38.97 7.25
CA LEU A 41 7.18 -40.40 7.37
C LEU A 41 8.08 -41.01 8.38
N ASP A 42 9.32 -40.58 8.40
CA ASP A 42 10.26 -41.18 9.34
C ASP A 42 10.09 -40.66 10.76
N LEU A 43 9.53 -39.46 10.92
CA LEU A 43 9.44 -38.84 12.24
C LEU A 43 8.39 -39.52 13.10
N LEU A 44 7.26 -39.91 12.51
CA LEU A 44 6.16 -40.52 13.26
C LEU A 44 6.52 -41.93 13.76
N PRO A 45 7.23 -42.76 13.00
CA PRO A 45 7.78 -43.97 13.61
C PRO A 45 8.69 -43.69 14.79
N ASP A 46 9.55 -42.66 14.69
CA ASP A 46 10.41 -42.31 15.82
C ASP A 46 9.63 -41.68 16.96
N THR A 47 8.53 -41.00 16.65
CA THR A 47 7.66 -40.47 17.69
C THR A 47 6.97 -41.61 18.45
N TYR A 48 6.31 -42.51 17.71
CA TYR A 48 5.75 -43.71 18.31
C TYR A 48 6.78 -44.44 19.18
N GLN A 49 7.98 -44.65 18.63
CA GLN A 49 8.99 -45.41 19.34
C GLN A 49 9.40 -44.71 20.63
N HIS A 50 9.69 -43.41 20.56
CA HIS A 50 10.14 -42.70 21.76
C HIS A 50 9.03 -42.60 22.79
N LEU A 51 7.81 -42.37 22.34
CA LEU A 51 6.67 -42.40 23.26
C LEU A 51 6.57 -43.73 23.98
N ARG A 52 6.62 -44.84 23.23
CA ARG A 52 6.65 -46.15 23.87
C ARG A 52 7.83 -46.29 24.83
N THR A 53 8.93 -45.58 24.57
CA THR A 53 10.03 -45.59 25.52
C THR A 53 9.66 -44.90 26.81
N ILE A 54 8.98 -43.76 26.71
CA ILE A 54 8.50 -43.09 27.92
C ILE A 54 7.56 -43.99 28.69
N LEU A 55 6.66 -44.66 27.97
CA LEU A 55 5.71 -45.56 28.64
C LEU A 55 6.45 -46.68 29.36
N SER A 56 7.41 -47.32 28.67
CA SER A 56 8.25 -48.32 29.32
C SER A 56 8.89 -47.77 30.58
N ARG A 57 9.32 -46.52 30.55
CA ARG A 57 9.97 -45.99 31.74
C ARG A 57 8.97 -45.71 32.86
N TYR A 58 7.72 -45.46 32.52
CA TYR A 58 6.70 -45.07 33.50
C TYR A 58 5.68 -46.18 33.72
N GLU A 59 6.15 -47.44 33.72
CA GLU A 59 5.22 -48.54 33.91
C GLU A 59 4.82 -48.69 35.36
N GLY A 60 5.73 -48.37 36.28
CA GLY A 60 5.40 -48.42 37.69
C GLY A 60 4.41 -47.36 38.13
N LYS A 61 4.45 -46.18 37.49
CA LYS A 61 3.64 -45.03 37.92
C LYS A 61 3.07 -44.33 36.67
N MET A 62 2.08 -44.98 36.05
CA MET A 62 1.46 -44.40 34.87
C MET A 62 0.66 -43.15 35.22
N GLU A 63 -0.05 -43.17 36.35
CA GLU A 63 -0.89 -42.04 36.73
C GLU A 63 -0.05 -40.79 37.01
N THR A 64 1.11 -40.97 37.64
CA THR A 64 1.96 -39.82 37.94
C THR A 64 2.48 -39.17 36.68
N LEU A 65 2.67 -39.94 35.60
CA LEU A 65 3.05 -39.37 34.32
C LEU A 65 1.89 -38.62 33.69
N GLY A 66 0.66 -39.09 33.87
CA GLY A 66 -0.50 -38.44 33.29
C GLY A 66 -0.84 -37.11 33.93
N GLU A 67 -0.32 -36.84 35.13
CA GLU A 67 -0.57 -35.59 35.83
C GLU A 67 0.58 -34.61 35.69
N ASN A 68 1.48 -34.85 34.76
CA ASN A 68 2.51 -33.89 34.40
C ASN A 68 2.02 -33.03 33.25
N GLU A 69 2.25 -31.72 33.35
CA GLU A 69 1.66 -30.77 32.40
C GLU A 69 2.22 -30.97 31.00
N TYR A 70 3.53 -31.23 30.91
CA TYR A 70 4.17 -31.28 29.59
C TYR A 70 3.62 -32.44 28.76
N PHE A 71 3.42 -33.61 29.38
CA PHE A 71 2.93 -34.75 28.61
C PHE A 71 1.50 -34.53 28.15
N ARG A 72 0.68 -33.88 28.98
CA ARG A 72 -0.70 -33.56 28.59
C ARG A 72 -0.70 -32.63 27.38
N VAL A 73 -0.01 -31.49 27.50
CA VAL A 73 0.00 -30.51 26.42
C VAL A 73 0.57 -31.12 25.14
N PHE A 74 1.68 -31.85 25.27
CA PHE A 74 2.35 -32.42 24.10
C PHE A 74 1.44 -33.43 23.41
N MET A 75 0.80 -34.30 24.17
CA MET A 75 -0.04 -35.33 23.56
C MET A 75 -1.27 -34.71 22.91
N GLU A 76 -1.95 -33.80 23.62
CA GLU A 76 -3.09 -33.12 23.03
C GLU A 76 -2.72 -32.48 21.71
N ASN A 77 -1.56 -31.82 21.68
CA ASN A 77 -1.11 -31.15 20.46
C ASN A 77 -0.78 -32.16 19.36
N LEU A 78 -0.21 -33.31 19.72
CA LEU A 78 0.11 -34.31 18.71
C LEU A 78 -1.15 -34.90 18.10
N MET A 79 -2.17 -35.14 18.93
CA MET A 79 -3.44 -35.62 18.42
C MET A 79 -4.09 -34.59 17.51
N LYS A 80 -4.04 -33.31 17.90
CA LYS A 80 -4.61 -32.25 17.07
C LYS A 80 -3.88 -32.17 15.73
N LYS A 81 -2.56 -32.12 15.77
CA LYS A 81 -1.80 -31.95 14.54
C LYS A 81 -1.98 -33.14 13.61
N THR A 82 -2.05 -34.35 14.16
CA THR A 82 -2.23 -35.51 13.30
C THR A 82 -3.65 -35.57 12.74
N LYS A 83 -4.65 -35.11 13.50
CA LYS A 83 -6.00 -35.01 12.98
C LYS A 83 -6.08 -34.00 11.84
N GLN A 84 -5.39 -32.86 11.99
CA GLN A 84 -5.28 -31.91 10.89
C GLN A 84 -4.52 -32.49 9.72
N THR A 85 -3.60 -33.42 9.98
CA THR A 85 -2.87 -34.07 8.91
C THR A 85 -3.78 -35.01 8.12
N ILE A 86 -4.74 -35.63 8.78
CA ILE A 86 -5.71 -36.46 8.07
C ILE A 86 -6.69 -35.59 7.31
N SER A 87 -7.28 -34.61 7.98
CA SER A 87 -8.24 -33.71 7.33
C SER A 87 -7.59 -32.88 6.24
N LEU A 88 -6.25 -32.80 6.20
CA LEU A 88 -5.60 -32.09 5.10
C LEU A 88 -5.69 -32.89 3.81
N PHE A 89 -5.41 -34.19 3.87
CA PHE A 89 -5.68 -35.05 2.73
C PHE A 89 -7.17 -35.05 2.40
N LYS A 90 -8.00 -35.03 3.43
CA LYS A 90 -9.46 -34.96 3.25
C LYS A 90 -9.85 -33.77 2.39
N GLU A 91 -9.27 -32.60 2.68
CA GLU A 91 -9.62 -31.39 1.95
C GLU A 91 -8.93 -31.34 0.58
N GLY A 92 -7.67 -31.76 0.55
CA GLY A 92 -6.86 -31.75 -0.65
C GLY A 92 -7.36 -32.63 -1.77
N LYS A 93 -7.86 -33.81 -1.41
CA LYS A 93 -8.35 -34.74 -2.41
C LYS A 93 -7.20 -35.10 -3.35
N GLU A 94 -7.45 -34.95 -4.65
CA GLU A 94 -6.45 -35.28 -5.66
C GLU A 94 -5.30 -34.29 -5.69
N ARG A 95 -5.48 -33.08 -5.18
CA ARG A 95 -4.36 -32.14 -5.40
C ARG A 95 -3.16 -32.43 -4.50
N MET A 96 -3.11 -33.63 -3.91
CA MET A 96 -1.95 -34.13 -3.21
C MET A 96 -0.90 -34.72 -4.14
N TYR A 97 -1.25 -34.94 -5.41
CA TYR A 97 -0.37 -35.64 -6.34
C TYR A 97 0.71 -34.74 -6.92
N GLU A 98 0.54 -33.43 -6.85
CA GLU A 98 1.55 -32.48 -7.29
C GLU A 98 2.06 -31.69 -6.09
N GLU A 99 3.38 -31.51 -6.03
CA GLU A 99 4.00 -30.84 -4.89
C GLU A 99 3.69 -29.36 -4.88
N ASN A 100 3.61 -28.72 -6.05
CA ASN A 100 3.35 -27.29 -6.13
C ASN A 100 2.01 -26.89 -5.54
N SER A 101 1.05 -27.81 -5.48
CA SER A 101 -0.28 -27.47 -4.98
C SER A 101 -0.21 -27.03 -3.52
N GLN A 102 -1.26 -26.31 -3.10
CA GLN A 102 -1.30 -25.78 -1.73
C GLN A 102 -1.42 -26.86 -0.68
N PRO A 103 -2.31 -27.86 -0.79
CA PRO A 103 -2.36 -28.89 0.26
C PRO A 103 -1.04 -29.63 0.45
N ARG A 104 -0.25 -29.79 -0.61
CA ARG A 104 1.09 -30.36 -0.45
C ARG A 104 1.97 -29.46 0.40
N ARG A 105 1.92 -28.14 0.14
CA ARG A 105 2.69 -27.20 0.94
C ARG A 105 2.27 -27.27 2.41
N ASN A 106 0.96 -27.39 2.67
CA ASN A 106 0.49 -27.55 4.04
C ASN A 106 1.02 -28.84 4.65
N LEU A 107 1.10 -29.90 3.84
CA LEU A 107 1.66 -31.17 4.30
C LEU A 107 3.11 -31.02 4.73
N THR A 108 3.91 -30.32 3.92
CA THR A 108 5.31 -30.10 4.29
C THR A 108 5.42 -29.19 5.51
N LYS A 109 4.51 -28.22 5.64
CA LYS A 109 4.45 -27.39 6.85
C LYS A 109 4.27 -28.25 8.09
N LEU A 110 3.23 -29.09 8.10
CA LEU A 110 3.01 -29.99 9.23
C LEU A 110 4.15 -30.99 9.39
N SER A 111 4.90 -31.28 8.32
CA SER A 111 6.11 -32.09 8.47
C SER A 111 7.15 -31.37 9.31
N LEU A 112 7.43 -30.11 8.97
CA LEU A 112 8.28 -29.28 9.82
C LEU A 112 7.80 -29.29 11.26
N ILE A 113 6.49 -29.09 11.46
CA ILE A 113 5.98 -29.07 12.82
C ILE A 113 6.29 -30.39 13.53
N PHE A 114 5.90 -31.51 12.92
CA PHE A 114 6.17 -32.83 13.51
C PHE A 114 7.64 -32.98 13.88
N SER A 115 8.55 -32.52 13.01
CA SER A 115 9.97 -32.60 13.33
C SER A 115 10.28 -31.79 14.58
N HIS A 116 9.71 -30.59 14.67
CA HIS A 116 9.88 -29.75 15.86
C HIS A 116 9.39 -30.46 17.12
N MET A 117 8.18 -31.01 17.08
CA MET A 117 7.63 -31.64 18.28
C MET A 117 8.47 -32.83 18.71
N LEU A 118 8.86 -33.70 17.77
CA LEU A 118 9.75 -34.79 18.16
C LEU A 118 11.02 -34.26 18.80
N ALA A 119 11.64 -33.25 18.18
CA ALA A 119 12.87 -32.70 18.77
C ALA A 119 12.61 -32.21 20.19
N GLU A 120 11.49 -31.53 20.40
CA GLU A 120 11.18 -31.05 21.74
C GLU A 120 11.01 -32.20 22.71
N LEU A 121 10.30 -33.26 22.30
CA LEU A 121 10.06 -34.40 23.17
C LEU A 121 11.36 -35.09 23.55
N LYS A 122 12.25 -35.28 22.57
CA LYS A 122 13.55 -35.89 22.84
C LYS A 122 14.39 -35.01 23.76
N GLY A 123 14.28 -33.68 23.61
CA GLY A 123 15.02 -32.80 24.50
C GLY A 123 14.51 -32.87 25.93
N ILE A 124 13.18 -32.89 26.10
CA ILE A 124 12.61 -32.92 27.44
C ILE A 124 12.69 -34.33 28.02
N PHE A 125 12.55 -35.35 27.18
CA PHE A 125 12.60 -36.75 27.60
C PHE A 125 13.79 -37.47 26.99
N PRO A 126 14.99 -37.33 27.56
CA PRO A 126 16.08 -38.23 27.14
C PRO A 126 15.97 -39.57 27.85
N SER A 127 15.98 -40.66 27.08
CA SER A 127 15.83 -42.02 27.61
C SER A 127 14.47 -42.23 28.24
N GLY A 128 13.45 -41.53 27.75
CA GLY A 128 12.12 -41.65 28.30
C GLY A 128 11.91 -41.06 29.67
N LEU A 129 12.89 -40.36 30.23
CA LEU A 129 12.78 -39.76 31.56
C LEU A 129 12.57 -38.26 31.48
N PHE A 130 11.70 -37.75 32.35
CA PHE A 130 11.46 -36.32 32.42
C PHE A 130 12.63 -35.62 33.09
N GLN A 131 13.25 -34.68 32.36
CA GLN A 131 14.29 -33.81 32.90
C GLN A 131 14.02 -32.35 32.56
N GLY A 132 12.77 -32.00 32.24
CA GLY A 132 12.44 -30.62 31.97
C GLY A 132 12.64 -29.71 33.15
N ASP A 133 12.40 -30.22 34.36
CA ASP A 133 12.62 -29.41 35.55
C ASP A 133 14.10 -29.12 35.77
N THR A 134 14.97 -30.04 35.36
CA THR A 134 16.41 -29.86 35.41
C THR A 134 16.99 -29.67 34.01
N PHE A 135 16.32 -28.85 33.20
CA PHE A 135 16.77 -28.57 31.85
C PHE A 135 17.82 -27.46 31.87
N ARG A 136 18.92 -27.68 31.15
CA ARG A 136 20.03 -26.74 31.11
C ARG A 136 19.79 -25.76 29.97
N ILE A 137 19.50 -24.51 30.32
CA ILE A 137 19.47 -23.42 29.35
C ILE A 137 20.90 -22.96 29.09
N THR A 138 21.23 -22.70 27.82
CA THR A 138 22.63 -22.61 27.42
C THR A 138 23.25 -21.28 27.86
N LYS A 139 22.63 -20.16 27.48
CA LYS A 139 23.06 -18.83 27.90
C LYS A 139 22.55 -18.55 29.30
N ALA A 140 23.48 -18.32 30.23
CA ALA A 140 23.08 -18.08 31.62
C ALA A 140 22.02 -16.99 31.71
N ASP A 141 22.32 -15.79 31.21
CA ASP A 141 21.34 -14.70 31.17
C ASP A 141 19.91 -15.16 30.88
N ALA A 142 19.76 -16.01 29.86
CA ALA A 142 18.48 -16.66 29.59
C ALA A 142 18.07 -17.59 30.74
N ALA A 143 19.03 -18.32 31.31
CA ALA A 143 18.69 -19.27 32.37
C ALA A 143 18.24 -18.55 33.64
N GLU A 144 18.94 -17.47 33.98
CA GLU A 144 18.54 -16.55 35.04
C GLU A 144 17.15 -16.01 34.80
N PHE A 145 16.88 -15.52 33.59
CA PHE A 145 15.54 -15.01 33.32
C PHE A 145 14.49 -16.11 33.52
N TRP A 146 14.77 -17.32 33.07
CA TRP A 146 13.74 -18.35 33.13
C TRP A 146 13.55 -18.87 34.55
N ARG A 147 14.65 -19.11 35.27
CA ARG A 147 14.56 -19.49 36.67
C ARG A 147 13.90 -18.41 37.51
N LYS A 148 14.11 -17.15 37.16
CA LYS A 148 13.56 -16.07 37.96
C LYS A 148 12.08 -15.85 37.67
N ALA A 149 11.71 -15.84 36.39
CA ALA A 149 10.36 -15.49 36.00
C ALA A 149 9.40 -16.64 36.19
N PHE A 150 9.84 -17.86 35.92
CA PHE A 150 9.03 -19.05 36.06
C PHE A 150 9.62 -20.05 37.03
N GLY A 151 10.88 -20.42 36.86
CA GLY A 151 11.56 -21.29 37.80
C GLY A 151 11.66 -22.71 37.26
N GLU A 152 11.31 -23.69 38.09
CA GLU A 152 11.35 -25.08 37.67
C GLU A 152 10.35 -25.41 36.57
N LYS A 153 9.54 -24.45 36.13
CA LYS A 153 8.54 -24.74 35.12
C LYS A 153 9.19 -25.25 33.84
N THR A 154 8.57 -26.25 33.22
CA THR A 154 9.03 -26.73 31.93
C THR A 154 8.30 -26.05 30.79
N ILE A 155 6.97 -25.97 30.87
CA ILE A 155 6.15 -25.38 29.83
C ILE A 155 5.22 -24.35 30.46
N VAL A 156 4.93 -23.31 29.68
CA VAL A 156 4.07 -22.21 30.13
C VAL A 156 3.13 -21.83 29.01
N PRO A 157 1.99 -21.24 29.36
CA PRO A 157 1.12 -20.63 28.33
C PRO A 157 1.74 -19.38 27.76
N TRP A 158 1.49 -19.15 26.47
CA TRP A 158 2.16 -18.07 25.75
C TRP A 158 1.85 -16.70 26.37
N LYS A 159 0.67 -16.52 26.93
CA LYS A 159 0.30 -15.23 27.53
C LYS A 159 1.25 -14.88 28.68
N SER A 160 1.55 -15.86 29.53
CA SER A 160 2.48 -15.63 30.64
C SER A 160 3.85 -15.25 30.13
N PHE A 161 4.26 -15.83 28.99
CA PHE A 161 5.59 -15.53 28.46
C PHE A 161 5.64 -14.17 27.78
N ARG A 162 4.54 -13.76 27.15
CA ARG A 162 4.47 -12.41 26.59
C ARG A 162 4.53 -11.37 27.70
N GLN A 163 3.72 -11.57 28.76
CA GLN A 163 3.74 -10.61 29.86
C GLN A 163 5.06 -10.65 30.63
N ALA A 164 5.72 -11.80 30.67
CA ALA A 164 6.99 -11.89 31.39
C ALA A 164 8.13 -11.28 30.59
N LEU A 165 8.29 -11.69 29.34
CA LEU A 165 9.36 -11.17 28.50
C LEU A 165 9.17 -9.70 28.21
N HIS A 166 7.91 -9.23 28.22
CA HIS A 166 7.67 -7.82 27.93
C HIS A 166 8.32 -6.91 28.98
N GLU A 167 8.48 -7.41 30.21
CA GLU A 167 9.01 -6.55 31.26
C GLU A 167 10.50 -6.28 31.05
N VAL A 168 11.24 -7.28 30.59
CA VAL A 168 12.66 -7.08 30.30
C VAL A 168 12.85 -6.44 28.93
N HIS A 169 12.25 -7.03 27.91
CA HIS A 169 12.31 -6.49 26.55
C HIS A 169 10.90 -6.16 26.09
N PRO A 170 10.51 -4.88 26.07
CA PRO A 170 9.12 -4.54 25.75
C PRO A 170 8.76 -4.87 24.31
N ILE A 171 7.50 -5.22 24.13
CA ILE A 171 6.94 -5.58 22.83
C ILE A 171 6.07 -4.43 22.37
N SER A 172 6.35 -3.92 21.17
CA SER A 172 5.74 -2.66 20.73
C SER A 172 4.25 -2.84 20.44
N SER A 173 3.86 -3.94 19.81
CA SER A 173 2.48 -4.09 19.34
C SER A 173 2.18 -5.56 19.10
N GLY A 174 0.87 -5.84 18.94
CA GLY A 174 0.44 -7.18 18.59
C GLY A 174 0.92 -7.64 17.23
N LEU A 175 1.10 -6.69 16.30
CA LEU A 175 1.75 -7.00 15.03
C LEU A 175 3.10 -7.65 15.25
N GLU A 176 3.87 -7.15 16.23
CA GLU A 176 5.20 -7.67 16.50
C GLU A 176 5.14 -8.90 17.39
N ALA A 177 4.30 -8.85 18.42
CA ALA A 177 4.19 -9.97 19.35
C ALA A 177 3.77 -11.25 18.64
N MET A 178 2.85 -11.17 17.67
CA MET A 178 2.55 -12.35 16.86
C MET A 178 3.79 -12.87 16.16
N ALA A 179 4.59 -11.97 15.58
CA ALA A 179 5.78 -12.38 14.86
C ALA A 179 6.78 -13.07 15.79
N LEU A 180 6.84 -12.66 17.06
CA LEU A 180 7.73 -13.33 18.01
C LEU A 180 7.18 -14.67 18.45
N LYS A 181 5.88 -14.72 18.75
CA LYS A 181 5.24 -15.98 19.10
C LYS A 181 5.40 -17.01 18.00
N SER A 182 5.60 -16.56 16.75
CA SER A 182 5.95 -17.49 15.68
C SER A 182 7.19 -18.30 16.03
N THR A 183 8.33 -17.64 16.19
CA THR A 183 9.58 -18.36 16.37
C THR A 183 9.65 -19.02 17.74
N ILE A 184 9.31 -18.29 18.80
CA ILE A 184 9.56 -18.83 20.13
C ILE A 184 8.65 -20.01 20.45
N ASP A 185 7.59 -20.23 19.66
CA ASP A 185 6.70 -21.38 19.83
C ASP A 185 6.84 -22.24 18.58
N LEU A 186 7.81 -23.14 18.60
CA LEU A 186 8.02 -24.03 17.47
C LEU A 186 6.92 -25.08 17.34
N THR A 187 6.31 -25.46 18.47
CA THR A 187 5.27 -26.47 18.44
C THR A 187 3.97 -25.95 17.86
N CYS A 188 3.79 -24.63 17.81
CA CYS A 188 2.53 -24.01 17.38
C CYS A 188 1.37 -24.52 18.23
N ASN A 189 1.50 -24.32 19.55
CA ASN A 189 0.46 -24.76 20.48
C ASN A 189 0.24 -23.76 21.61
N ASP A 190 0.57 -22.48 21.40
CA ASP A 190 0.36 -21.42 22.38
C ASP A 190 1.04 -21.74 23.71
N TYR A 191 2.09 -22.57 23.68
CA TYR A 191 2.81 -22.97 24.88
C TYR A 191 4.30 -22.86 24.61
N ILE A 192 4.97 -22.00 25.38
CA ILE A 192 6.42 -21.83 25.31
C ILE A 192 7.06 -22.80 26.30
N SER A 193 7.95 -23.65 25.82
CA SER A 193 8.67 -24.58 26.67
C SER A 193 10.08 -24.08 26.92
N VAL A 194 10.76 -24.74 27.86
CA VAL A 194 12.17 -24.42 28.10
C VAL A 194 13.02 -24.82 26.90
N PHE A 195 12.57 -25.82 26.14
CA PHE A 195 13.29 -26.26 24.96
C PHE A 195 13.26 -25.18 23.88
N GLU A 196 12.05 -24.76 23.48
CA GLU A 196 11.90 -23.74 22.46
C GLU A 196 12.54 -22.42 22.88
N PHE A 197 12.43 -22.09 24.17
CA PHE A 197 13.04 -20.87 24.68
C PHE A 197 14.56 -20.92 24.59
N ASP A 198 15.15 -22.04 25.03
CA ASP A 198 16.60 -22.16 24.98
C ASP A 198 17.11 -22.11 23.55
N ILE A 199 16.42 -22.78 22.63
CA ILE A 199 16.80 -22.69 21.21
C ILE A 199 16.78 -21.25 20.74
N PHE A 200 15.69 -20.54 21.05
CA PHE A 200 15.57 -19.14 20.64
C PHE A 200 16.73 -18.31 21.17
N THR A 201 16.98 -18.41 22.48
CA THR A 201 18.03 -17.57 23.08
C THR A 201 19.39 -17.91 22.51
N ARG A 202 19.69 -19.19 22.30
CA ARG A 202 20.94 -19.53 21.64
C ARG A 202 21.00 -18.96 20.23
N LEU A 203 19.85 -18.84 19.56
CA LEU A 203 19.84 -18.36 18.19
C LEU A 203 20.06 -16.87 18.11
N PHE A 204 19.63 -16.11 19.13
CA PHE A 204 19.66 -14.65 19.06
C PHE A 204 20.38 -14.04 20.25
N GLN A 205 21.56 -14.59 20.55
CA GLN A 205 22.44 -13.99 21.56
C GLN A 205 22.96 -12.64 21.06
N PRO A 206 23.33 -11.74 21.98
CA PRO A 206 23.24 -11.83 23.44
C PRO A 206 21.87 -11.47 24.00
N TRP A 207 21.66 -11.79 25.28
CA TRP A 207 20.36 -11.56 25.90
C TRP A 207 20.06 -10.07 26.05
N SER A 208 21.11 -9.27 26.31
CA SER A 208 20.91 -7.86 26.66
C SER A 208 20.13 -7.10 25.59
N SER A 209 20.28 -7.48 24.32
CA SER A 209 19.55 -6.89 23.21
C SER A 209 18.72 -7.94 22.47
N LEU A 210 18.28 -8.96 23.20
CA LEU A 210 17.61 -10.12 22.59
C LEU A 210 16.56 -9.71 21.57
N LEU A 211 15.53 -8.98 22.02
CA LEU A 211 14.45 -8.57 21.13
C LEU A 211 14.99 -7.80 19.93
N ARG A 212 15.92 -6.88 20.17
CA ARG A 212 16.49 -6.14 19.05
C ARG A 212 17.29 -7.08 18.14
N ASN A 213 18.03 -8.02 18.74
CA ASN A 213 18.67 -9.06 17.94
C ASN A 213 17.64 -9.80 17.10
N TRP A 214 16.45 -10.00 17.65
CA TRP A 214 15.38 -10.64 16.89
C TRP A 214 14.99 -9.80 15.69
N ASN A 215 14.96 -8.48 15.87
CA ASN A 215 14.43 -7.60 14.83
C ASN A 215 15.36 -7.55 13.62
N SER A 216 16.64 -7.20 13.85
CA SER A 216 17.58 -7.02 12.74
C SER A 216 17.87 -8.34 12.04
N LEU A 217 18.06 -9.39 12.80
CA LEU A 217 18.40 -10.70 12.26
C LEU A 217 17.27 -11.48 11.70
N ALA A 218 16.06 -11.01 11.91
CA ALA A 218 14.93 -11.74 11.42
C ALA A 218 13.92 -10.96 10.63
N VAL A 219 13.33 -9.95 11.26
CA VAL A 219 12.31 -9.19 10.59
C VAL A 219 12.65 -8.30 9.42
N THR A 220 13.65 -7.43 9.56
CA THR A 220 14.04 -6.53 8.49
C THR A 220 15.21 -7.05 7.66
N HIS A 221 15.47 -8.35 7.68
CA HIS A 221 16.61 -8.84 6.95
C HIS A 221 16.18 -9.61 5.72
N PRO A 222 16.80 -9.36 4.56
CA PRO A 222 16.42 -10.08 3.34
C PRO A 222 17.05 -11.46 3.24
N GLY A 223 18.30 -11.59 3.69
CA GLY A 223 18.97 -12.88 3.59
C GLY A 223 18.36 -13.95 4.46
N TYR A 224 17.59 -13.56 5.47
CA TYR A 224 16.97 -14.50 6.38
C TYR A 224 15.91 -15.32 5.68
N MET A 225 16.03 -16.65 5.75
CA MET A 225 15.16 -17.55 5.00
C MET A 225 14.46 -18.57 5.89
N ALA A 226 14.61 -18.47 7.21
CA ALA A 226 13.92 -19.32 8.19
C ALA A 226 14.36 -20.76 7.96
N PHE A 227 13.46 -21.73 7.84
CA PHE A 227 13.84 -23.13 7.69
C PHE A 227 13.87 -23.53 6.21
N LEU A 228 15.02 -24.01 5.76
CA LEU A 228 15.15 -24.55 4.42
C LEU A 228 16.08 -25.75 4.45
N THR A 229 15.93 -26.62 3.46
CA THR A 229 16.84 -27.74 3.25
C THR A 229 17.85 -27.37 2.17
N TYR A 230 18.98 -28.09 2.17
CA TYR A 230 20.05 -27.83 1.20
C TYR A 230 19.54 -27.83 -0.23
N ASP A 231 18.52 -28.65 -0.51
CA ASP A 231 17.89 -28.61 -1.84
C ASP A 231 17.19 -27.27 -2.08
N GLU A 232 16.44 -26.77 -1.09
CA GLU A 232 15.72 -25.52 -1.32
C GLU A 232 16.67 -24.34 -1.39
N VAL A 233 17.80 -24.41 -0.66
CA VAL A 233 18.76 -23.32 -0.66
C VAL A 233 19.38 -23.15 -2.03
N LYS A 234 19.92 -24.24 -2.59
CA LYS A 234 20.50 -24.19 -3.92
C LYS A 234 19.46 -23.78 -4.95
N ALA A 235 18.22 -24.22 -4.79
CA ALA A 235 17.16 -23.78 -5.68
C ALA A 235 16.97 -22.27 -5.60
N ARG A 236 17.20 -21.68 -4.43
CA ARG A 236 17.02 -20.24 -4.30
C ARG A 236 18.18 -19.46 -4.91
N LEU A 237 19.41 -19.89 -4.66
CA LEU A 237 20.61 -19.19 -5.10
C LEU A 237 21.02 -19.50 -6.54
N GLN A 238 20.42 -20.51 -7.18
CA GLN A 238 20.71 -20.77 -8.58
C GLN A 238 20.45 -19.56 -9.47
N LYS A 239 19.50 -18.70 -9.10
CA LYS A 239 19.20 -17.50 -9.87
C LYS A 239 20.28 -16.43 -9.78
N PHE A 240 21.18 -16.52 -8.81
CA PHE A 240 22.25 -15.52 -8.62
C PHE A 240 23.61 -16.20 -8.55
N ILE A 241 23.77 -17.32 -9.26
CA ILE A 241 25.03 -18.05 -9.18
C ILE A 241 26.16 -17.27 -9.86
N HIS A 242 25.86 -16.62 -10.98
CA HIS A 242 26.85 -15.83 -11.71
C HIS A 242 27.36 -14.67 -10.89
N LYS A 243 26.66 -14.32 -9.83
CA LYS A 243 26.93 -13.16 -9.00
C LYS A 243 27.66 -13.61 -7.74
N PRO A 244 28.98 -13.71 -7.75
CA PRO A 244 29.69 -14.17 -6.55
C PRO A 244 29.44 -13.23 -5.37
N GLY A 245 29.27 -13.81 -4.19
CA GLY A 245 29.03 -13.06 -2.97
C GLY A 245 27.57 -12.98 -2.57
N SER A 246 26.65 -13.40 -3.43
CA SER A 246 25.24 -13.48 -3.07
C SER A 246 25.05 -14.57 -2.04
N TYR A 247 24.48 -14.22 -0.88
CA TYR A 247 24.40 -15.12 0.25
C TYR A 247 23.01 -15.07 0.85
N ILE A 248 22.69 -16.12 1.61
CA ILE A 248 21.53 -16.17 2.47
C ILE A 248 21.97 -16.86 3.76
N PHE A 249 21.16 -16.74 4.80
CA PHE A 249 21.40 -17.48 6.04
C PHE A 249 20.07 -18.01 6.56
N ARG A 250 20.08 -19.28 6.90
CA ARG A 250 18.90 -19.99 7.33
C ARG A 250 19.07 -20.91 8.51
N LEU A 251 18.00 -21.61 8.82
CA LEU A 251 17.98 -22.51 9.92
C LEU A 251 17.78 -23.92 9.44
N SER A 252 18.20 -24.88 10.23
CA SER A 252 18.05 -26.27 9.89
C SER A 252 17.30 -27.00 10.98
N CYS A 253 16.31 -27.78 10.58
CA CYS A 253 15.49 -28.58 11.45
C CYS A 253 16.29 -29.64 12.11
N THR A 254 17.25 -30.16 11.36
CA THR A 254 18.10 -31.21 11.83
C THR A 254 18.83 -30.69 13.04
N ARG A 255 19.23 -29.45 12.94
CA ARG A 255 19.89 -28.74 14.03
C ARG A 255 19.12 -27.52 14.41
N LEU A 256 18.56 -27.43 15.51
CA LEU A 256 17.80 -26.37 16.06
C LEU A 256 18.82 -25.71 16.90
N GLY A 257 18.63 -24.44 17.09
CA GLY A 257 19.58 -23.59 17.82
C GLY A 257 20.95 -23.47 17.18
N GLN A 258 21.10 -23.86 15.91
CA GLN A 258 22.33 -23.67 15.18
C GLN A 258 22.03 -22.91 13.89
N TRP A 259 22.94 -22.04 13.51
CA TRP A 259 22.76 -21.20 12.33
C TRP A 259 23.36 -21.84 11.09
N ALA A 260 22.88 -21.39 9.93
CA ALA A 260 23.41 -21.84 8.65
C ALA A 260 23.61 -20.63 7.76
N ILE A 261 24.73 -20.61 7.03
CA ILE A 261 25.02 -19.54 6.08
C ILE A 261 25.43 -20.17 4.76
N GLU A 262 24.86 -19.69 3.68
CA GLU A 262 25.16 -20.18 2.35
C GLU A 262 25.57 -19.00 1.48
N TYR A 263 26.62 -19.19 0.68
CA TYR A 263 27.08 -18.12 -0.19
C TYR A 263 27.69 -18.70 -1.46
N VAL A 264 27.81 -17.84 -2.46
CA VAL A 264 28.29 -18.19 -3.80
C VAL A 264 29.75 -17.77 -3.92
N THR A 265 30.55 -18.61 -4.55
CA THR A 265 31.96 -18.33 -4.79
C THR A 265 32.20 -17.89 -6.22
N ALA A 266 33.41 -17.38 -6.46
CA ALA A 266 33.78 -16.97 -7.82
C ALA A 266 33.82 -18.17 -8.77
N ASP A 267 34.14 -19.36 -8.26
CA ASP A 267 34.11 -20.55 -9.10
C ASP A 267 32.73 -20.82 -9.67
N GLY A 268 31.69 -20.25 -9.06
CA GLY A 268 30.33 -20.62 -9.38
C GLY A 268 29.77 -21.75 -8.52
N ASN A 269 30.57 -22.29 -7.61
CA ASN A 269 30.07 -23.26 -6.64
C ASN A 269 29.41 -22.55 -5.47
N ILE A 270 28.39 -23.20 -4.91
CA ILE A 270 27.68 -22.70 -3.74
C ILE A 270 28.23 -23.39 -2.50
N LEU A 271 28.98 -22.67 -1.69
CA LEU A 271 29.59 -23.23 -0.50
C LEU A 271 28.91 -22.63 0.73
N GLN A 272 28.87 -23.41 1.81
CA GLN A 272 28.21 -22.98 3.03
C GLN A 272 29.21 -22.92 4.18
N THR A 273 28.80 -22.20 5.21
CA THR A 273 29.59 -22.01 6.42
C THR A 273 28.63 -21.97 7.61
N ILE A 274 29.13 -22.37 8.77
CA ILE A 274 28.35 -22.46 10.00
C ILE A 274 29.07 -21.65 11.07
N PRO A 275 28.39 -20.80 11.82
CA PRO A 275 29.07 -20.02 12.86
C PRO A 275 29.11 -20.72 14.21
N HIS A 276 30.15 -21.53 14.46
CA HIS A 276 30.31 -22.13 15.77
C HIS A 276 30.78 -21.10 16.79
N ASN A 277 31.88 -20.43 16.51
CA ASN A 277 32.34 -19.28 17.30
C ASN A 277 31.72 -18.00 16.76
N LYS A 278 31.58 -17.01 17.65
CA LYS A 278 30.97 -15.70 17.41
C LYS A 278 29.47 -15.78 17.18
N PRO A 279 28.70 -14.77 17.57
CA PRO A 279 27.27 -14.74 17.27
C PRO A 279 27.02 -14.50 15.78
N LEU A 280 25.74 -14.57 15.40
CA LEU A 280 25.38 -14.50 13.99
C LEU A 280 25.73 -13.14 13.41
N PHE A 281 25.37 -12.05 14.11
CA PHE A 281 25.64 -10.72 13.57
C PHE A 281 27.13 -10.49 13.43
N GLN A 282 27.92 -10.83 14.46
CA GLN A 282 29.36 -10.61 14.37
C GLN A 282 29.96 -11.38 13.21
N ALA A 283 29.64 -12.67 13.09
CA ALA A 283 30.13 -13.44 11.94
C ALA A 283 29.65 -12.84 10.61
N LEU A 284 28.42 -12.32 10.58
CA LEU A 284 27.95 -11.64 9.37
C LEU A 284 28.83 -10.45 9.02
N ILE A 285 29.15 -9.62 10.03
CA ILE A 285 29.98 -8.46 9.78
C ILE A 285 31.34 -8.90 9.25
N ASP A 286 31.97 -9.86 9.93
CA ASP A 286 33.29 -10.31 9.54
C ASP A 286 33.30 -10.82 8.11
N GLY A 287 32.27 -11.57 7.71
CA GLY A 287 32.19 -12.00 6.33
C GLY A 287 31.95 -10.86 5.37
N PHE A 288 31.27 -9.80 5.83
CA PHE A 288 31.18 -8.57 5.04
C PHE A 288 32.57 -7.95 4.84
N ARG A 289 33.43 -8.04 5.86
CA ARG A 289 34.78 -7.51 5.73
C ARG A 289 35.66 -8.38 4.86
N GLU A 290 35.44 -9.70 4.90
CA GLU A 290 36.26 -10.62 4.12
C GLU A 290 35.95 -10.52 2.64
N GLY A 291 34.71 -10.26 2.29
CA GLY A 291 34.29 -10.20 0.91
C GLY A 291 33.40 -11.34 0.42
N PHE A 292 32.79 -12.10 1.34
CA PHE A 292 31.88 -13.20 0.99
C PHE A 292 30.42 -12.78 1.11
N TYR A 293 30.02 -12.26 2.27
CA TYR A 293 28.62 -11.90 2.51
C TYR A 293 28.42 -10.48 2.02
N LEU A 294 28.08 -10.34 0.74
CA LEU A 294 27.91 -9.04 0.12
C LEU A 294 26.47 -8.76 -0.24
N PHE A 295 25.80 -9.69 -0.92
CA PHE A 295 24.43 -9.49 -1.37
C PHE A 295 23.53 -10.48 -0.65
N PRO A 296 22.68 -10.04 0.28
CA PRO A 296 21.73 -10.98 0.89
C PRO A 296 20.62 -11.31 -0.09
N ASP A 297 20.50 -12.58 -0.44
CA ASP A 297 19.48 -13.02 -1.38
C ASP A 297 19.68 -12.32 -2.73
N GLY A 298 20.95 -12.12 -3.09
CA GLY A 298 21.26 -11.45 -4.34
C GLY A 298 20.76 -10.02 -4.41
N ARG A 299 20.75 -9.31 -3.28
CA ARG A 299 20.26 -7.94 -3.19
C ARG A 299 21.44 -7.03 -2.85
N ASN A 300 21.55 -5.92 -3.57
CA ASN A 300 22.78 -5.14 -3.49
C ASN A 300 22.89 -4.42 -2.15
N GLN A 301 21.79 -3.88 -1.66
CA GLN A 301 21.78 -3.24 -0.35
C GLN A 301 22.00 -4.28 0.74
N ASN A 302 22.99 -4.02 1.59
CA ASN A 302 23.35 -4.89 2.69
C ASN A 302 23.05 -4.18 4.00
N PRO A 303 22.21 -4.73 4.87
CA PRO A 303 21.90 -4.04 6.13
C PRO A 303 23.11 -3.92 7.03
N ASP A 304 23.08 -2.90 7.89
CA ASP A 304 24.19 -2.61 8.80
C ASP A 304 23.92 -3.23 10.18
N LEU A 305 24.98 -3.78 10.76
CA LEU A 305 24.92 -4.40 12.07
C LEU A 305 26.01 -3.83 12.98
N VAL B 6 5.38 -10.73 0.31
CA VAL B 6 4.36 -9.95 -0.39
C VAL B 6 3.27 -10.85 -0.96
N PRO B 7 2.12 -10.89 -0.29
CA PRO B 7 0.94 -11.51 -0.91
C PRO B 7 0.67 -10.85 -2.27
N THR B 8 0.31 -11.68 -3.24
CA THR B 8 0.13 -11.23 -4.61
C THR B 8 -1.34 -11.20 -4.98
N LYS B 9 -1.74 -10.13 -5.66
CA LYS B 9 -3.05 -10.04 -6.33
C LYS B 9 -4.19 -10.11 -5.31
N LEU B 10 -4.16 -9.18 -4.36
CA LEU B 10 -5.15 -9.10 -3.30
C LEU B 10 -6.40 -8.37 -3.80
N GLU B 11 -7.57 -8.95 -3.51
CA GLU B 11 -8.83 -8.38 -3.99
C GLU B 11 -10.00 -8.93 -3.18
N VAL B 12 -11.07 -8.14 -3.12
CA VAL B 12 -12.32 -8.56 -2.52
C VAL B 12 -13.18 -9.23 -3.58
N VAL B 13 -13.74 -10.40 -3.25
CA VAL B 13 -14.55 -11.15 -4.20
C VAL B 13 -16.01 -11.32 -3.78
N ALA B 14 -16.32 -11.24 -2.48
CA ALA B 14 -17.70 -11.30 -2.01
C ALA B 14 -17.96 -10.09 -1.12
N ALA B 15 -19.10 -9.46 -1.32
CA ALA B 15 -19.42 -8.20 -0.64
C ALA B 15 -20.81 -8.26 -0.04
N THR B 16 -20.92 -7.75 1.18
CA THR B 16 -22.17 -7.41 1.85
C THR B 16 -21.97 -6.02 2.42
N PRO B 17 -23.01 -5.34 2.92
CA PRO B 17 -22.79 -4.02 3.54
C PRO B 17 -21.73 -4.03 4.63
N THR B 18 -21.58 -5.16 5.32
CA THR B 18 -20.76 -5.26 6.53
C THR B 18 -19.69 -6.33 6.48
N SER B 19 -19.78 -7.32 5.59
CA SER B 19 -18.84 -8.44 5.53
C SER B 19 -18.19 -8.52 4.16
N LEU B 20 -16.89 -8.80 4.13
CA LEU B 20 -16.12 -8.84 2.89
C LEU B 20 -15.28 -10.11 2.86
N LEU B 21 -15.27 -10.78 1.71
CA LEU B 21 -14.40 -11.95 1.49
C LEU B 21 -13.23 -11.49 0.65
N ILE B 22 -12.04 -11.49 1.23
CA ILE B 22 -10.81 -11.11 0.55
C ILE B 22 -10.05 -12.37 0.17
N SER B 23 -9.62 -12.42 -1.09
CA SER B 23 -8.89 -13.56 -1.63
C SER B 23 -7.59 -13.08 -2.26
N TRP B 24 -6.48 -13.61 -1.75
CA TRP B 24 -5.15 -13.37 -2.29
C TRP B 24 -4.54 -14.69 -2.70
N ASP B 25 -3.68 -14.67 -3.71
CA ASP B 25 -3.06 -15.91 -4.16
C ASP B 25 -1.91 -16.31 -3.24
N ALA B 26 -1.77 -17.62 -3.07
CA ALA B 26 -0.70 -18.13 -2.24
C ALA B 26 0.65 -17.74 -2.84
N PRO B 27 1.57 -17.22 -2.05
CA PRO B 27 2.91 -16.96 -2.58
C PRO B 27 3.61 -18.28 -2.82
N ALA B 28 4.60 -18.23 -3.72
CA ALA B 28 5.41 -19.41 -3.96
C ALA B 28 6.13 -19.86 -2.69
N VAL B 29 6.67 -18.90 -1.94
CA VAL B 29 7.29 -19.21 -0.65
C VAL B 29 6.21 -19.56 0.37
N THR B 30 6.60 -20.38 1.35
CA THR B 30 5.67 -20.83 2.37
C THR B 30 5.20 -19.68 3.26
N VAL B 31 4.03 -19.87 3.86
CA VAL B 31 3.45 -18.96 4.84
C VAL B 31 3.07 -19.76 6.06
N PHE B 32 3.69 -19.45 7.20
CA PHE B 32 3.23 -20.02 8.46
C PHE B 32 1.89 -19.41 8.87
N TYR B 33 1.78 -18.08 8.83
CA TYR B 33 0.54 -17.42 9.19
C TYR B 33 0.40 -16.12 8.40
N TYR B 34 -0.84 -15.71 8.15
CA TYR B 34 -1.13 -14.43 7.53
C TYR B 34 -1.70 -13.47 8.56
N TYR B 35 -1.29 -12.21 8.46
CA TYR B 35 -1.70 -11.18 9.41
C TYR B 35 -2.49 -10.11 8.68
N ILE B 36 -3.67 -9.76 9.19
CA ILE B 36 -4.56 -8.84 8.49
C ILE B 36 -4.97 -7.72 9.43
N THR B 37 -4.84 -6.47 8.97
CA THR B 37 -5.23 -5.31 9.75
C THR B 37 -6.11 -4.42 8.89
N TYR B 38 -7.37 -4.26 9.29
CA TYR B 38 -8.31 -3.40 8.58
C TYR B 38 -8.66 -2.22 9.47
N GLY B 39 -8.72 -1.04 8.86
CA GLY B 39 -8.99 0.18 9.61
C GLY B 39 -9.61 1.25 8.75
N GLU B 40 -10.43 2.09 9.40
CA GLU B 40 -11.10 3.19 8.73
C GLU B 40 -10.09 4.09 8.01
N THR B 41 -10.38 4.41 6.75
CA THR B 41 -9.51 5.32 6.01
C THR B 41 -9.51 6.69 6.67
N GLY B 42 -8.31 7.20 6.95
CA GLY B 42 -8.18 8.42 7.71
C GLY B 42 -8.81 8.38 9.08
N GLY B 43 -8.94 7.18 9.67
CA GLY B 43 -9.53 7.02 10.98
C GLY B 43 -8.47 6.89 12.04
N ASN B 44 -8.52 7.76 13.05
CA ASN B 44 -7.57 7.74 14.14
C ASN B 44 -7.75 6.54 15.07
N SER B 45 -8.87 5.84 14.99
CA SER B 45 -9.08 4.67 15.83
C SER B 45 -8.10 3.57 15.45
N PRO B 46 -7.38 3.01 16.43
CA PRO B 46 -6.50 1.87 16.14
C PRO B 46 -7.20 0.75 15.36
N VAL B 47 -6.56 0.34 14.27
CA VAL B 47 -7.15 -0.61 13.34
C VAL B 47 -7.43 -1.95 14.03
N GLN B 48 -8.49 -2.61 13.60
CA GLN B 48 -8.73 -3.98 14.07
C GLN B 48 -7.81 -4.94 13.33
N GLU B 49 -7.43 -6.01 14.02
CA GLU B 49 -6.45 -6.94 13.50
C GLU B 49 -6.89 -8.37 13.79
N PHE B 50 -6.50 -9.30 12.91
CA PHE B 50 -6.68 -10.71 13.18
C PHE B 50 -5.69 -11.50 12.33
N THR B 51 -5.67 -12.82 12.56
CA THR B 51 -4.68 -13.71 11.97
C THR B 51 -5.36 -14.93 11.38
N VAL B 52 -4.77 -15.48 10.33
CA VAL B 52 -5.25 -16.77 9.78
C VAL B 52 -4.06 -17.67 9.53
N PRO B 53 -4.29 -18.98 9.43
CA PRO B 53 -3.20 -19.89 9.08
C PRO B 53 -2.77 -19.72 7.63
N GLY B 54 -1.55 -20.16 7.37
CA GLY B 54 -0.95 -19.97 6.06
C GLY B 54 -1.57 -20.81 4.97
N SER B 55 -2.37 -21.82 5.32
CA SER B 55 -2.97 -22.67 4.30
C SER B 55 -4.04 -21.91 3.52
N LYS B 56 -4.73 -21.00 4.19
CA LYS B 56 -5.87 -20.32 3.56
C LYS B 56 -5.42 -19.23 2.63
N SER B 57 -6.15 -19.07 1.52
CA SER B 57 -5.95 -17.96 0.61
C SER B 57 -7.10 -16.96 0.67
N THR B 58 -8.11 -17.21 1.50
CA THR B 58 -9.28 -16.37 1.62
C THR B 58 -9.61 -16.14 3.08
N ALA B 59 -10.18 -14.96 3.35
CA ALA B 59 -10.58 -14.60 4.71
C ALA B 59 -11.81 -13.71 4.64
N THR B 60 -12.58 -13.70 5.72
CA THR B 60 -13.83 -12.95 5.77
C THR B 60 -13.82 -12.02 6.97
N ILE B 61 -14.17 -10.75 6.74
CA ILE B 61 -14.28 -9.76 7.80
C ILE B 61 -15.74 -9.41 7.99
N SER B 62 -16.20 -9.43 9.23
CA SER B 62 -17.57 -9.11 9.58
C SER B 62 -17.62 -7.93 10.54
N GLY B 63 -18.73 -7.18 10.49
CA GLY B 63 -18.94 -6.07 11.40
C GLY B 63 -18.53 -4.70 10.88
N LEU B 64 -18.04 -4.60 9.65
CA LEU B 64 -17.67 -3.32 9.06
C LEU B 64 -18.89 -2.43 8.87
N LYS B 65 -18.77 -1.16 9.24
CA LYS B 65 -19.90 -0.26 9.08
C LYS B 65 -20.25 -0.10 7.60
N PRO B 66 -21.53 -0.09 7.24
CA PRO B 66 -21.90 0.15 5.84
C PRO B 66 -21.74 1.62 5.47
N GLY B 67 -21.09 1.87 4.32
CA GLY B 67 -20.89 3.21 3.83
C GLY B 67 -19.59 3.87 4.29
N VAL B 68 -18.51 3.11 4.34
CA VAL B 68 -17.20 3.65 4.72
C VAL B 68 -16.16 3.04 3.79
N ASP B 69 -15.16 3.87 3.43
CA ASP B 69 -13.98 3.40 2.72
C ASP B 69 -12.96 2.97 3.77
N TYR B 70 -12.62 1.67 3.78
CA TYR B 70 -11.65 1.11 4.70
C TYR B 70 -10.35 0.78 3.98
N THR B 71 -9.26 0.80 4.76
CA THR B 71 -7.94 0.42 4.29
C THR B 71 -7.52 -0.87 4.96
N ILE B 72 -7.26 -1.90 4.16
CA ILE B 72 -6.93 -3.24 4.62
C ILE B 72 -5.51 -3.55 4.22
N THR B 73 -4.73 -4.07 5.19
CA THR B 73 -3.33 -4.41 4.98
C THR B 73 -3.13 -5.89 5.30
N VAL B 74 -2.40 -6.58 4.42
CA VAL B 74 -2.17 -8.01 4.50
C VAL B 74 -0.67 -8.26 4.55
N TYR B 75 -0.27 -9.12 5.49
CA TYR B 75 1.12 -9.52 5.68
C TYR B 75 1.23 -11.04 5.56
N ALA B 76 2.33 -11.47 4.97
CA ALA B 76 2.74 -12.87 5.01
C ALA B 76 3.75 -13.06 6.13
N MET B 77 3.67 -14.20 6.80
CA MET B 77 4.50 -14.48 7.97
C MET B 77 5.08 -15.88 7.88
N TYR B 78 6.39 -15.94 7.74
CA TYR B 78 7.23 -17.12 8.01
C TYR B 78 7.82 -16.93 9.40
N TYR B 79 8.42 -17.98 9.91
CA TYR B 79 9.06 -17.96 11.22
C TYR B 79 10.02 -16.80 11.35
N GLY B 80 9.71 -15.89 12.26
CA GLY B 80 10.53 -14.69 12.45
C GLY B 80 10.76 -13.92 11.18
N LYS B 81 9.72 -13.71 10.38
CA LYS B 81 9.86 -13.07 9.08
C LYS B 81 8.54 -12.41 8.72
N VAL B 82 8.62 -11.14 8.35
CA VAL B 82 7.46 -10.38 7.89
C VAL B 82 7.77 -9.94 6.46
N TYR B 83 7.23 -10.65 5.47
CA TYR B 83 7.34 -10.18 4.11
C TYR B 83 6.56 -8.88 3.94
N SER B 84 6.92 -8.14 2.90
CA SER B 84 6.33 -6.81 2.70
C SER B 84 4.83 -6.95 2.49
N PRO B 85 4.03 -6.01 2.99
CA PRO B 85 2.58 -6.14 2.96
C PRO B 85 1.99 -5.68 1.63
N ILE B 86 0.67 -5.84 1.53
CA ILE B 86 -0.09 -5.30 0.40
C ILE B 86 -1.41 -4.77 0.94
N SER B 87 -1.90 -3.69 0.34
CA SER B 87 -3.04 -2.96 0.87
C SER B 87 -4.10 -2.72 -0.19
N ILE B 88 -5.37 -2.72 0.22
CA ILE B 88 -6.47 -2.30 -0.66
C ILE B 88 -7.45 -1.45 0.15
N ASN B 89 -8.16 -0.56 -0.55
CA ASN B 89 -9.17 0.31 0.07
C ASN B 89 -10.52 0.05 -0.60
N TYR B 90 -11.56 -0.19 0.22
CA TYR B 90 -12.88 -0.53 -0.29
C TYR B 90 -13.94 0.35 0.35
N ARG B 91 -14.87 0.85 -0.45
CA ARG B 91 -16.01 1.60 0.05
C ARG B 91 -17.20 0.67 0.18
N THR B 92 -17.70 0.50 1.40
CA THR B 92 -18.84 -0.38 1.65
C THR B 92 -20.17 0.38 1.59
N ASP C 8 4.43 39.24 -31.44
CA ASP C 8 4.51 39.73 -32.82
C ASP C 8 3.39 39.10 -33.64
N LYS C 9 2.98 39.77 -34.72
CA LYS C 9 1.88 39.23 -35.53
C LYS C 9 2.30 37.97 -36.26
N LYS C 10 3.53 37.93 -36.75
CA LYS C 10 4.03 36.69 -37.33
C LYS C 10 3.99 35.55 -36.32
N MET C 11 4.13 35.88 -35.03
CA MET C 11 4.02 34.86 -34.00
C MET C 11 2.57 34.38 -33.85
N VAL C 12 1.59 35.29 -33.88
CA VAL C 12 0.21 34.94 -33.58
C VAL C 12 -0.46 34.28 -34.78
N GLU C 13 -0.41 34.95 -35.94
CA GLU C 13 -0.93 34.44 -37.20
C GLU C 13 -0.88 32.93 -37.28
N LYS C 14 0.29 32.37 -36.97
CA LYS C 14 0.43 30.92 -36.85
C LYS C 14 -0.48 30.36 -35.78
N CYS C 15 -0.57 31.04 -34.62
CA CYS C 15 -1.52 30.61 -33.59
C CYS C 15 -2.95 30.59 -34.12
N TRP C 16 -3.35 31.61 -34.89
CA TRP C 16 -4.69 31.59 -35.48
C TRP C 16 -4.85 30.40 -36.41
N LYS C 17 -3.82 30.09 -37.19
CA LYS C 17 -3.88 28.95 -38.11
C LYS C 17 -4.07 27.65 -37.32
N LEU C 18 -3.32 27.49 -36.24
CA LEU C 18 -3.40 26.26 -35.45
C LEU C 18 -4.76 26.11 -34.81
N MET C 19 -5.25 27.17 -34.17
CA MET C 19 -6.58 27.13 -33.57
C MET C 19 -7.64 26.78 -34.61
N ASP C 20 -7.55 27.40 -35.80
CA ASP C 20 -8.50 27.07 -36.86
C ASP C 20 -8.38 25.60 -37.26
N LYS C 21 -7.16 25.06 -37.25
CA LYS C 21 -6.97 23.64 -37.54
C LYS C 21 -7.67 22.78 -36.50
N VAL C 22 -7.59 23.16 -35.22
CA VAL C 22 -8.33 22.45 -34.19
C VAL C 22 -9.83 22.55 -34.45
N VAL C 23 -10.28 23.70 -34.96
CA VAL C 23 -11.69 23.83 -35.33
C VAL C 23 -12.05 22.85 -36.44
N ARG C 24 -11.11 22.60 -37.37
CA ARG C 24 -11.34 21.58 -38.38
C ARG C 24 -11.46 20.20 -37.74
N LEU C 25 -10.58 19.89 -36.79
CA LEU C 25 -10.57 18.57 -36.16
C LEU C 25 -11.87 18.30 -35.40
N CYS C 26 -12.26 19.25 -34.54
CA CYS C 26 -13.38 19.02 -33.65
C CYS C 26 -14.74 19.08 -34.34
N GLN C 27 -14.85 19.77 -35.49
CA GLN C 27 -16.12 19.89 -36.20
C GLN C 27 -16.56 18.61 -36.86
N ASN C 28 -15.83 17.53 -36.60
CA ASN C 28 -16.21 16.23 -37.11
C ASN C 28 -17.53 15.78 -36.50
N PRO C 29 -18.55 15.52 -37.31
CA PRO C 29 -19.82 15.00 -36.77
C PRO C 29 -19.70 13.65 -36.08
N LYS C 30 -18.64 12.90 -36.33
CA LYS C 30 -18.50 11.59 -35.69
C LYS C 30 -18.24 11.75 -34.20
N LEU C 31 -17.54 12.82 -33.81
CA LEU C 31 -17.16 12.99 -32.42
C LEU C 31 -18.38 13.15 -31.52
N ALA C 32 -19.43 13.81 -32.02
CA ALA C 32 -20.68 14.04 -31.29
C ALA C 32 -20.41 14.88 -30.04
N LEU C 33 -19.60 15.93 -30.19
CA LEU C 33 -19.33 16.84 -29.09
C LEU C 33 -20.63 17.45 -28.59
N LYS C 34 -20.77 17.49 -27.26
CA LYS C 34 -21.92 18.14 -26.63
C LYS C 34 -21.60 19.59 -26.27
N ASN C 35 -22.61 20.45 -26.44
CA ASN C 35 -22.56 21.85 -25.99
C ASN C 35 -22.81 21.90 -24.48
N SER C 36 -21.84 21.38 -23.74
CA SER C 36 -22.01 21.11 -22.32
C SER C 36 -22.15 22.44 -21.54
N PRO C 37 -21.11 23.31 -21.54
CA PRO C 37 -19.75 23.28 -22.11
C PRO C 37 -18.75 22.90 -21.02
N PRO C 38 -17.41 23.07 -21.17
CA PRO C 38 -16.53 23.65 -22.19
C PRO C 38 -16.84 23.00 -23.50
N TYR C 39 -17.34 23.83 -24.40
CA TYR C 39 -17.73 23.49 -25.76
C TYR C 39 -16.56 23.25 -26.66
N ILE C 40 -15.50 24.02 -26.44
CA ILE C 40 -14.30 23.94 -27.24
C ILE C 40 -14.55 24.55 -28.60
N LEU C 41 -15.61 24.10 -29.26
CA LEU C 41 -15.93 24.66 -30.55
C LEU C 41 -16.24 26.15 -30.41
N ASP C 42 -16.96 26.50 -29.35
CA ASP C 42 -17.32 27.90 -29.14
C ASP C 42 -16.28 28.74 -28.43
N LEU C 43 -15.24 28.13 -27.85
CA LEU C 43 -14.28 28.94 -27.11
C LEU C 43 -13.21 29.53 -28.03
N LEU C 44 -12.73 28.73 -28.99
CA LEU C 44 -11.64 29.17 -29.86
C LEU C 44 -12.07 30.30 -30.80
N PRO C 45 -13.30 30.28 -31.36
CA PRO C 45 -13.75 31.49 -32.09
C PRO C 45 -13.83 32.71 -31.18
N ASP C 46 -14.28 32.55 -29.94
CA ASP C 46 -14.31 33.69 -29.01
C ASP C 46 -12.91 34.12 -28.62
N THR C 47 -11.97 33.19 -28.53
CA THR C 47 -10.58 33.54 -28.28
C THR C 47 -10.00 34.33 -29.45
N TYR C 48 -10.21 33.84 -30.67
CA TYR C 48 -9.79 34.55 -31.88
C TYR C 48 -10.36 35.95 -31.89
N GLN C 49 -11.67 36.08 -31.65
CA GLN C 49 -12.33 37.38 -31.71
C GLN C 49 -11.79 38.33 -30.65
N HIS C 50 -11.68 37.85 -29.40
CA HIS C 50 -11.21 38.73 -28.32
C HIS C 50 -9.76 39.13 -28.54
N LEU C 51 -8.92 38.20 -29.00
CA LEU C 51 -7.54 38.54 -29.34
C LEU C 51 -7.50 39.59 -30.44
N ARG C 52 -8.43 39.49 -31.41
CA ARG C 52 -8.50 40.52 -32.45
C ARG C 52 -8.95 41.86 -31.89
N THR C 53 -9.76 41.85 -30.83
CA THR C 53 -10.10 43.10 -30.15
C THR C 53 -8.88 43.72 -29.48
N ILE C 54 -8.09 42.89 -28.79
CA ILE C 54 -6.84 43.36 -28.20
C ILE C 54 -5.93 43.94 -29.28
N LEU C 55 -5.87 43.28 -30.44
CA LEU C 55 -5.06 43.80 -31.53
C LEU C 55 -5.61 45.12 -32.05
N SER C 56 -6.93 45.27 -32.05
CA SER C 56 -7.53 46.51 -32.53
C SER C 56 -7.21 47.67 -31.58
N ARG C 57 -7.11 47.39 -30.28
CA ARG C 57 -6.79 48.46 -29.35
C ARG C 57 -5.30 48.81 -29.41
N TYR C 58 -4.45 47.88 -29.83
CA TYR C 58 -3.01 48.13 -29.84
C TYR C 58 -2.46 48.16 -31.25
N GLU C 59 -3.13 48.91 -32.15
CA GLU C 59 -2.69 48.97 -33.53
C GLU C 59 -1.28 49.52 -33.64
N GLY C 60 -0.97 50.61 -32.94
CA GLY C 60 0.36 51.15 -33.02
C GLY C 60 1.16 50.89 -31.78
N LYS C 61 0.50 50.29 -30.79
CA LYS C 61 1.14 49.99 -29.52
C LYS C 61 1.53 48.52 -29.43
N MET C 62 1.73 47.87 -30.59
CA MET C 62 2.10 46.45 -30.62
C MET C 62 3.47 46.22 -30.01
N GLU C 63 4.45 47.06 -30.35
CA GLU C 63 5.77 46.98 -29.73
C GLU C 63 5.66 46.99 -28.21
N THR C 64 4.80 47.85 -27.67
CA THR C 64 4.63 47.93 -26.23
C THR C 64 3.79 46.78 -25.69
N LEU C 65 2.85 46.27 -26.49
CA LEU C 65 2.06 45.11 -26.10
C LEU C 65 2.89 43.83 -26.15
N GLY C 66 3.81 43.74 -27.12
CA GLY C 66 4.67 42.57 -27.23
C GLY C 66 5.67 42.42 -26.11
N GLU C 67 5.94 43.50 -25.38
CA GLU C 67 6.86 43.47 -24.25
C GLU C 67 6.12 43.42 -22.91
N ASN C 68 4.84 43.07 -22.93
CA ASN C 68 4.09 42.82 -21.71
C ASN C 68 4.15 41.33 -21.38
N GLU C 69 4.40 41.01 -20.11
CA GLU C 69 4.67 39.63 -19.73
C GLU C 69 3.44 38.75 -19.90
N TYR C 70 2.27 39.26 -19.52
CA TYR C 70 1.06 38.44 -19.55
C TYR C 70 0.71 37.99 -20.96
N PHE C 71 0.85 38.89 -21.94
CA PHE C 71 0.52 38.53 -23.31
C PHE C 71 1.50 37.49 -23.85
N ARG C 72 2.78 37.60 -23.49
CA ARG C 72 3.78 36.62 -23.91
C ARG C 72 3.46 35.25 -23.33
N VAL C 73 3.30 35.17 -22.01
CA VAL C 73 3.02 33.90 -21.36
C VAL C 73 1.71 33.30 -21.86
N PHE C 74 0.68 34.13 -22.03
CA PHE C 74 -0.62 33.62 -22.44
C PHE C 74 -0.59 33.12 -23.88
N MET C 75 0.08 33.85 -24.78
CA MET C 75 0.13 33.43 -26.18
C MET C 75 0.95 32.16 -26.33
N GLU C 76 2.11 32.09 -25.67
CA GLU C 76 2.89 30.87 -25.70
C GLU C 76 2.08 29.70 -25.15
N ASN C 77 1.37 29.93 -24.04
CA ASN C 77 0.54 28.87 -23.45
C ASN C 77 -0.54 28.41 -24.42
N LEU C 78 -1.20 29.34 -25.10
CA LEU C 78 -2.26 28.96 -26.04
C LEU C 78 -1.71 28.20 -27.23
N MET C 79 -0.52 28.58 -27.71
CA MET C 79 0.11 27.85 -28.80
C MET C 79 0.45 26.43 -28.36
N LYS C 80 1.01 26.28 -27.16
CA LYS C 80 1.33 24.94 -26.66
C LYS C 80 0.07 24.09 -26.50
N LYS C 81 -0.97 24.65 -25.89
CA LYS C 81 -2.19 23.88 -25.63
C LYS C 81 -2.87 23.47 -26.94
N THR C 82 -2.89 24.37 -27.93
CA THR C 82 -3.53 24.03 -29.19
C THR C 82 -2.70 23.01 -29.98
N LYS C 83 -1.37 23.10 -29.90
CA LYS C 83 -0.53 22.08 -30.53
C LYS C 83 -0.74 20.72 -29.88
N GLN C 84 -0.85 20.69 -28.56
CA GLN C 84 -1.15 19.44 -27.86
C GLN C 84 -2.54 18.93 -28.21
N THR C 85 -3.47 19.84 -28.51
CA THR C 85 -4.79 19.41 -28.94
C THR C 85 -4.75 18.78 -30.32
N ILE C 86 -3.85 19.26 -31.19
CA ILE C 86 -3.67 18.63 -32.49
C ILE C 86 -3.03 17.26 -32.32
N SER C 87 -1.88 17.21 -31.63
CA SER C 87 -1.19 15.95 -31.43
C SER C 87 -2.00 14.96 -30.62
N LEU C 88 -3.06 15.42 -29.94
CA LEU C 88 -3.96 14.50 -29.26
C LEU C 88 -4.77 13.69 -30.26
N PHE C 89 -5.34 14.37 -31.27
CA PHE C 89 -5.95 13.64 -32.37
C PHE C 89 -4.92 12.77 -33.07
N LYS C 90 -3.71 13.28 -33.21
CA LYS C 90 -2.62 12.51 -33.83
C LYS C 90 -2.42 11.17 -33.12
N GLU C 91 -2.39 11.18 -31.78
CA GLU C 91 -2.16 9.94 -31.06
C GLU C 91 -3.42 9.09 -31.00
N GLY C 92 -4.59 9.73 -30.92
CA GLY C 92 -5.82 8.97 -30.74
C GLY C 92 -6.24 8.22 -31.99
N LYS C 93 -6.01 8.80 -33.15
CA LYS C 93 -6.38 8.13 -34.38
C LYS C 93 -7.89 7.94 -34.44
N GLU C 94 -8.34 6.70 -34.65
CA GLU C 94 -9.77 6.45 -34.76
C GLU C 94 -10.48 6.48 -33.41
N ARG C 95 -9.76 6.29 -32.31
CA ARG C 95 -10.39 6.20 -30.99
C ARG C 95 -11.00 7.53 -30.52
N MET C 96 -11.06 8.55 -31.37
CA MET C 96 -11.87 9.73 -31.09
C MET C 96 -13.36 9.50 -31.35
N TYR C 97 -13.71 8.41 -32.03
CA TYR C 97 -15.08 8.15 -32.43
C TYR C 97 -15.87 7.41 -31.37
N GLU C 98 -15.32 7.23 -30.17
CA GLU C 98 -15.98 6.53 -29.07
C GLU C 98 -15.94 7.39 -27.81
N GLU C 99 -17.01 7.27 -27.02
CA GLU C 99 -17.15 8.12 -25.83
C GLU C 99 -16.18 7.71 -24.72
N ASN C 100 -16.15 6.41 -24.40
CA ASN C 100 -15.46 5.96 -23.20
C ASN C 100 -13.95 6.05 -23.32
N SER C 101 -13.43 6.26 -24.53
CA SER C 101 -11.99 6.18 -24.76
C SER C 101 -11.24 7.28 -24.01
N GLN C 102 -9.92 7.08 -23.89
CA GLN C 102 -9.10 8.04 -23.15
C GLN C 102 -8.83 9.32 -23.94
N PRO C 103 -8.46 9.28 -25.22
CA PRO C 103 -8.21 10.55 -25.94
C PRO C 103 -9.40 11.50 -25.93
N ARG C 104 -10.61 10.94 -25.91
CA ARG C 104 -11.81 11.76 -25.88
C ARG C 104 -11.81 12.54 -24.57
N ARG C 105 -11.42 11.86 -23.49
CA ARG C 105 -11.35 12.48 -22.18
C ARG C 105 -10.31 13.60 -22.17
N ASN C 106 -9.20 13.36 -22.85
CA ASN C 106 -8.12 14.34 -22.94
C ASN C 106 -8.63 15.60 -23.64
N LEU C 107 -9.42 15.40 -24.69
CA LEU C 107 -9.98 16.53 -25.42
C LEU C 107 -10.87 17.34 -24.49
N THR C 108 -11.64 16.64 -23.67
CA THR C 108 -12.53 17.29 -22.72
C THR C 108 -11.70 18.09 -21.71
N LYS C 109 -10.58 17.52 -21.29
CA LYS C 109 -9.69 18.18 -20.34
C LYS C 109 -9.13 19.46 -20.93
N LEU C 110 -8.60 19.39 -22.15
CA LEU C 110 -8.15 20.60 -22.82
C LEU C 110 -9.29 21.55 -23.11
N SER C 111 -10.52 21.06 -23.18
CA SER C 111 -11.68 21.95 -23.28
C SER C 111 -11.79 22.80 -22.02
N LEU C 112 -11.76 22.14 -20.86
CA LEU C 112 -11.78 22.87 -19.60
C LEU C 112 -10.64 23.88 -19.52
N ILE C 113 -9.43 23.47 -19.91
CA ILE C 113 -8.29 24.38 -19.86
C ILE C 113 -8.53 25.58 -20.77
N PHE C 114 -9.09 25.34 -21.95
CA PHE C 114 -9.37 26.45 -22.87
C PHE C 114 -10.40 27.40 -22.29
N SER C 115 -11.42 26.86 -21.61
CA SER C 115 -12.40 27.72 -20.94
C SER C 115 -11.72 28.56 -19.86
N HIS C 116 -10.82 27.97 -19.08
CA HIS C 116 -10.10 28.72 -18.06
C HIS C 116 -9.27 29.84 -18.70
N MET C 117 -8.58 29.52 -19.80
CA MET C 117 -7.72 30.51 -20.43
C MET C 117 -8.53 31.67 -21.03
N LEU C 118 -9.67 31.36 -21.67
CA LEU C 118 -10.51 32.42 -22.18
C LEU C 118 -11.07 33.27 -21.05
N ALA C 119 -11.43 32.65 -19.94
CA ALA C 119 -11.93 33.41 -18.79
C ALA C 119 -10.83 34.32 -18.23
N GLU C 120 -9.60 33.83 -18.20
CA GLU C 120 -8.49 34.64 -17.70
C GLU C 120 -8.21 35.82 -18.62
N LEU C 121 -8.20 35.56 -19.94
CA LEU C 121 -7.98 36.63 -20.90
C LEU C 121 -9.08 37.68 -20.82
N LYS C 122 -10.34 37.22 -20.78
CA LYS C 122 -11.47 38.16 -20.67
C LYS C 122 -11.40 38.96 -19.38
N GLY C 123 -11.07 38.31 -18.27
CA GLY C 123 -11.02 39.01 -16.99
C GLY C 123 -9.90 40.03 -16.93
N ILE C 124 -8.72 39.68 -17.43
CA ILE C 124 -7.61 40.62 -17.45
C ILE C 124 -7.79 41.64 -18.57
N PHE C 125 -8.38 41.23 -19.69
CA PHE C 125 -8.63 42.13 -20.82
C PHE C 125 -10.13 42.35 -21.01
N PRO C 126 -10.72 43.32 -20.31
CA PRO C 126 -12.05 43.80 -20.73
C PRO C 126 -11.90 44.78 -21.88
N SER C 127 -12.64 44.53 -22.96
CA SER C 127 -12.64 45.36 -24.18
C SER C 127 -11.27 45.46 -24.82
N GLY C 128 -10.43 44.45 -24.62
CA GLY C 128 -9.11 44.42 -25.23
C GLY C 128 -8.10 45.36 -24.62
N LEU C 129 -8.35 45.85 -23.41
CA LEU C 129 -7.44 46.76 -22.72
C LEU C 129 -6.85 46.08 -21.50
N PHE C 130 -5.57 46.35 -21.24
CA PHE C 130 -4.88 45.72 -20.12
C PHE C 130 -5.21 46.47 -18.84
N GLN C 131 -5.73 45.72 -17.85
CA GLN C 131 -6.03 46.27 -16.53
C GLN C 131 -5.58 45.30 -15.44
N GLY C 132 -4.59 44.47 -15.75
CA GLY C 132 -4.09 43.52 -14.75
C GLY C 132 -3.33 44.19 -13.64
N ASP C 133 -2.60 45.28 -13.95
CA ASP C 133 -1.92 46.03 -12.91
C ASP C 133 -2.90 46.71 -11.97
N THR C 134 -4.09 47.06 -12.47
CA THR C 134 -5.16 47.64 -11.67
C THR C 134 -6.32 46.65 -11.51
N PHE C 135 -5.99 45.38 -11.33
CA PHE C 135 -7.00 44.36 -11.14
C PHE C 135 -7.51 44.37 -9.71
N ARG C 136 -8.83 44.29 -9.56
CA ARG C 136 -9.47 44.28 -8.25
C ARG C 136 -9.49 42.87 -7.69
N ILE C 137 -8.73 42.64 -6.63
CA ILE C 137 -8.84 41.43 -5.83
C ILE C 137 -10.12 41.50 -5.03
N THR C 138 -10.81 40.37 -4.89
CA THR C 138 -12.16 40.42 -4.33
C THR C 138 -12.14 40.72 -2.84
N LYS C 139 -11.24 40.08 -2.08
CA LYS C 139 -11.22 40.19 -0.62
C LYS C 139 -10.06 41.07 -0.18
N ALA C 140 -10.34 41.99 0.73
CA ALA C 140 -9.32 42.95 1.18
C ALA C 140 -8.19 42.23 1.90
N ASP C 141 -8.53 41.28 2.77
CA ASP C 141 -7.52 40.43 3.40
C ASP C 141 -6.62 39.78 2.34
N ALA C 142 -7.22 39.23 1.27
CA ALA C 142 -6.41 38.64 0.20
C ALA C 142 -5.73 39.72 -0.63
N ALA C 143 -6.47 40.80 -0.89
CA ALA C 143 -5.93 41.93 -1.65
C ALA C 143 -4.56 42.34 -1.13
N GLU C 144 -4.45 42.51 0.19
CA GLU C 144 -3.20 43.02 0.71
C GLU C 144 -2.07 42.01 0.57
N PHE C 145 -2.37 40.71 0.65
CA PHE C 145 -1.32 39.74 0.38
C PHE C 145 -0.78 39.90 -1.04
N TRP C 146 -1.69 40.00 -2.03
CA TRP C 146 -1.16 40.10 -3.38
C TRP C 146 -0.38 41.40 -3.59
N ARG C 147 -0.82 42.50 -2.98
CA ARG C 147 -0.11 43.76 -3.20
C ARG C 147 1.11 43.91 -2.31
N LYS C 148 1.25 43.05 -1.29
CA LYS C 148 2.38 43.12 -0.37
C LYS C 148 3.51 42.23 -0.85
N ALA C 149 3.17 41.05 -1.38
CA ALA C 149 4.20 40.11 -1.77
C ALA C 149 4.73 40.42 -3.16
N PHE C 150 3.85 40.76 -4.10
CA PHE C 150 4.23 40.99 -5.49
C PHE C 150 4.00 42.43 -5.92
N GLY C 151 2.85 42.99 -5.62
CA GLY C 151 2.57 44.39 -5.94
C GLY C 151 1.68 44.52 -7.16
N GLU C 152 2.07 45.39 -8.09
CA GLU C 152 1.33 45.62 -9.33
C GLU C 152 1.43 44.44 -10.30
N LYS C 153 2.22 43.42 -9.99
CA LYS C 153 2.39 42.30 -10.91
C LYS C 153 1.05 41.65 -11.24
N THR C 154 0.87 41.33 -12.52
CA THR C 154 -0.33 40.61 -12.96
C THR C 154 -0.12 39.11 -12.92
N ILE C 155 1.01 38.64 -13.44
CA ILE C 155 1.32 37.22 -13.51
C ILE C 155 2.68 37.00 -12.85
N VAL C 156 2.82 35.84 -12.20
CA VAL C 156 4.07 35.49 -11.53
C VAL C 156 4.36 34.01 -11.78
N PRO C 157 5.64 33.63 -11.74
CA PRO C 157 5.96 32.20 -11.80
C PRO C 157 5.53 31.49 -10.53
N TRP C 158 5.18 30.20 -10.69
CA TRP C 158 4.64 29.45 -9.57
C TRP C 158 5.62 29.34 -8.42
N LYS C 159 6.93 29.31 -8.71
CA LYS C 159 7.93 29.16 -7.65
C LYS C 159 7.86 30.32 -6.68
N SER C 160 7.80 31.54 -7.19
CA SER C 160 7.65 32.71 -6.34
C SER C 160 6.36 32.67 -5.52
N PHE C 161 5.31 32.05 -6.07
CA PHE C 161 4.05 31.99 -5.34
C PHE C 161 4.12 30.96 -4.21
N ARG C 162 4.77 29.82 -4.46
CA ARG C 162 4.94 28.82 -3.40
C ARG C 162 5.79 29.39 -2.27
N GLN C 163 6.91 30.05 -2.61
CA GLN C 163 7.74 30.64 -1.58
C GLN C 163 7.02 31.79 -0.87
N ALA C 164 6.14 32.50 -1.58
CA ALA C 164 5.44 33.62 -0.99
C ALA C 164 4.34 33.16 -0.02
N LEU C 165 3.40 32.35 -0.51
CA LEU C 165 2.33 31.82 0.32
C LEU C 165 2.86 30.91 1.42
N HIS C 166 4.02 30.28 1.22
CA HIS C 166 4.60 29.44 2.25
C HIS C 166 4.88 30.22 3.53
N GLU C 167 5.22 31.50 3.42
CA GLU C 167 5.58 32.27 4.60
C GLU C 167 4.36 32.59 5.46
N VAL C 168 3.21 32.81 4.83
CA VAL C 168 1.99 33.09 5.57
C VAL C 168 1.33 31.79 6.02
N HIS C 169 1.00 30.93 5.07
CA HIS C 169 0.39 29.63 5.35
C HIS C 169 1.38 28.54 4.98
N PRO C 170 1.89 27.77 5.94
CA PRO C 170 2.95 26.81 5.61
C PRO C 170 2.43 25.62 4.82
N ILE C 171 3.35 24.97 4.11
CA ILE C 171 3.02 23.88 3.20
C ILE C 171 3.61 22.58 3.74
N SER C 172 2.83 21.50 3.68
CA SER C 172 3.22 20.27 4.35
C SER C 172 4.36 19.57 3.61
N SER C 173 4.26 19.48 2.29
CA SER C 173 5.25 18.76 1.50
C SER C 173 5.04 19.11 0.04
N GLY C 174 6.04 18.76 -0.79
CA GLY C 174 5.85 18.83 -2.23
C GLY C 174 4.69 17.98 -2.71
N LEU C 175 4.47 16.84 -2.04
CA LEU C 175 3.27 16.05 -2.31
C LEU C 175 2.02 16.91 -2.26
N GLU C 176 1.96 17.84 -1.30
CA GLU C 176 0.79 18.71 -1.18
C GLU C 176 0.90 19.95 -2.08
N ALA C 177 2.10 20.54 -2.12
CA ALA C 177 2.32 21.73 -2.94
C ALA C 177 1.91 21.49 -4.38
N MET C 178 2.08 20.25 -4.88
CA MET C 178 1.64 19.96 -6.24
C MET C 178 0.13 20.08 -6.40
N ALA C 179 -0.63 19.55 -5.43
CA ALA C 179 -2.08 19.68 -5.47
C ALA C 179 -2.48 21.16 -5.47
N LEU C 180 -1.86 21.94 -4.59
CA LEU C 180 -2.18 23.37 -4.56
C LEU C 180 -1.90 24.02 -5.90
N LYS C 181 -0.71 23.79 -6.46
CA LYS C 181 -0.39 24.32 -7.79
C LYS C 181 -1.46 23.94 -8.80
N SER C 182 -1.96 22.71 -8.75
CA SER C 182 -3.03 22.32 -9.65
C SER C 182 -4.23 23.25 -9.50
N THR C 183 -4.69 23.48 -8.26
CA THR C 183 -5.92 24.25 -8.11
C THR C 183 -5.72 25.71 -8.47
N ILE C 184 -4.63 26.34 -8.01
CA ILE C 184 -4.49 27.77 -8.24
C ILE C 184 -4.24 28.08 -9.71
N ASP C 185 -3.45 27.26 -10.39
CA ASP C 185 -3.04 27.54 -11.77
C ASP C 185 -4.06 26.92 -12.74
N LEU C 186 -5.14 27.65 -13.01
CA LEU C 186 -6.15 27.16 -13.93
C LEU C 186 -5.64 27.09 -15.37
N THR C 187 -4.70 27.97 -15.74
CA THR C 187 -4.16 27.95 -17.10
C THR C 187 -3.24 26.76 -17.34
N CYS C 188 -2.71 26.16 -16.27
CA CYS C 188 -1.74 25.07 -16.37
C CYS C 188 -0.52 25.51 -17.19
N ASN C 189 0.15 26.56 -16.69
CA ASN C 189 1.31 27.11 -17.39
C ASN C 189 2.42 27.53 -16.44
N ASP C 190 2.47 26.96 -15.23
CA ASP C 190 3.47 27.31 -14.22
C ASP C 190 3.47 28.80 -13.90
N TYR C 191 2.32 29.46 -14.13
CA TYR C 191 2.20 30.89 -13.89
C TYR C 191 0.90 31.19 -13.18
N ILE C 192 1.02 31.71 -11.95
CA ILE C 192 -0.12 32.18 -11.18
C ILE C 192 -0.52 33.55 -11.70
N SER C 193 -1.79 33.71 -12.02
CA SER C 193 -2.33 35.00 -12.38
C SER C 193 -3.21 35.53 -11.26
N VAL C 194 -3.37 36.85 -11.23
CA VAL C 194 -4.23 37.48 -10.23
C VAL C 194 -5.69 37.13 -10.48
N PHE C 195 -6.04 36.77 -11.73
CA PHE C 195 -7.36 36.22 -11.99
C PHE C 195 -7.55 34.89 -11.27
N GLU C 196 -6.62 33.96 -11.49
CA GLU C 196 -6.64 32.68 -10.79
C GLU C 196 -6.55 32.87 -9.28
N PHE C 197 -5.67 33.77 -8.82
CA PHE C 197 -5.52 34.01 -7.38
C PHE C 197 -6.81 34.56 -6.79
N ASP C 198 -7.38 35.57 -7.42
CA ASP C 198 -8.64 36.15 -6.98
C ASP C 198 -9.74 35.09 -6.90
N ILE C 199 -9.84 34.24 -7.92
CA ILE C 199 -10.87 33.22 -7.93
C ILE C 199 -10.67 32.23 -6.79
N PHE C 200 -9.42 31.82 -6.56
CA PHE C 200 -9.14 30.90 -5.47
C PHE C 200 -9.52 31.50 -4.12
N THR C 201 -9.09 32.75 -3.87
CA THR C 201 -9.35 33.37 -2.57
C THR C 201 -10.85 33.56 -2.35
N ARG C 202 -11.58 33.99 -3.38
CA ARG C 202 -13.02 34.03 -3.29
C ARG C 202 -13.60 32.64 -3.03
N LEU C 203 -12.97 31.61 -3.60
CA LEU C 203 -13.45 30.25 -3.45
C LEU C 203 -13.31 29.75 -2.02
N PHE C 204 -12.34 30.26 -1.27
CA PHE C 204 -12.08 29.77 0.08
C PHE C 204 -11.91 30.92 1.06
N GLN C 205 -12.95 31.73 1.21
CA GLN C 205 -12.99 32.66 2.34
C GLN C 205 -13.26 31.87 3.63
N PRO C 206 -12.65 32.30 4.74
CA PRO C 206 -11.77 33.47 4.85
C PRO C 206 -10.30 33.16 4.64
N TRP C 207 -9.49 34.20 4.45
CA TRP C 207 -8.07 34.01 4.22
C TRP C 207 -7.36 33.47 5.45
N SER C 208 -7.81 33.84 6.66
CA SER C 208 -7.08 33.54 7.87
C SER C 208 -6.75 32.05 8.00
N SER C 209 -7.61 31.18 7.48
CA SER C 209 -7.35 29.74 7.46
C SER C 209 -7.42 29.19 6.04
N LEU C 210 -7.03 30.00 5.05
CA LEU C 210 -7.26 29.69 3.64
C LEU C 210 -6.78 28.30 3.28
N LEU C 211 -5.49 28.05 3.46
CA LEU C 211 -4.93 26.72 3.23
C LEU C 211 -5.70 25.66 4.01
N ARG C 212 -5.98 25.91 5.29
CA ARG C 212 -6.85 25.01 6.04
C ARG C 212 -8.23 24.92 5.41
N ASN C 213 -8.82 26.07 5.05
CA ASN C 213 -10.05 26.05 4.27
C ASN C 213 -9.89 25.19 3.03
N TRP C 214 -8.70 25.22 2.42
CA TRP C 214 -8.45 24.41 1.24
C TRP C 214 -8.55 22.92 1.56
N ASN C 215 -8.05 22.51 2.72
CA ASN C 215 -7.93 21.09 3.01
C ASN C 215 -9.29 20.41 3.10
N SER C 216 -10.03 20.70 4.17
CA SER C 216 -11.27 19.98 4.45
C SER C 216 -12.29 20.14 3.33
N LEU C 217 -12.45 21.35 2.81
CA LEU C 217 -13.40 21.59 1.73
C LEU C 217 -12.97 20.99 0.40
N ALA C 218 -11.79 20.37 0.32
CA ALA C 218 -11.29 19.94 -0.98
C ALA C 218 -10.61 18.58 -0.96
N VAL C 219 -9.53 18.48 -0.22
CA VAL C 219 -8.68 17.30 -0.21
C VAL C 219 -9.44 16.12 0.37
N THR C 220 -9.80 16.24 1.66
CA THR C 220 -10.41 15.15 2.40
C THR C 220 -11.94 15.13 2.31
N HIS C 221 -12.52 15.78 1.30
CA HIS C 221 -13.97 15.84 1.22
C HIS C 221 -14.48 14.95 0.11
N PRO C 222 -15.47 14.10 0.38
CA PRO C 222 -16.02 13.22 -0.66
C PRO C 222 -16.99 13.93 -1.60
N GLY C 223 -17.86 14.78 -1.05
CA GLY C 223 -18.87 15.44 -1.85
C GLY C 223 -18.32 16.36 -2.92
N TYR C 224 -17.08 16.82 -2.75
CA TYR C 224 -16.43 17.69 -3.72
C TYR C 224 -16.23 16.94 -5.04
N MET C 225 -16.67 17.57 -6.14
CA MET C 225 -16.59 16.98 -7.47
C MET C 225 -15.86 17.81 -8.53
N ALA C 226 -15.22 18.91 -8.12
CA ALA C 226 -14.49 19.78 -9.05
C ALA C 226 -15.41 20.37 -10.13
N PHE C 227 -14.98 20.30 -11.39
CA PHE C 227 -15.74 20.84 -12.50
C PHE C 227 -16.64 19.77 -13.11
N LEU C 228 -17.94 20.02 -13.13
CA LEU C 228 -18.92 19.15 -13.78
C LEU C 228 -20.08 19.99 -14.28
N THR C 229 -20.81 19.46 -15.25
CA THR C 229 -21.95 20.17 -15.81
C THR C 229 -23.24 19.62 -15.23
N TYR C 230 -24.32 20.38 -15.40
CA TYR C 230 -25.64 19.95 -14.94
C TYR C 230 -25.99 18.54 -15.44
N ASP C 231 -25.31 18.06 -16.50
CA ASP C 231 -25.55 16.72 -16.99
C ASP C 231 -24.68 15.69 -16.26
N GLU C 232 -23.37 15.96 -16.17
CA GLU C 232 -22.47 15.06 -15.46
C GLU C 232 -22.93 14.82 -14.03
N VAL C 233 -23.33 15.89 -13.34
CA VAL C 233 -23.68 15.79 -11.92
C VAL C 233 -24.86 14.86 -11.72
N LYS C 234 -25.87 14.98 -12.59
CA LYS C 234 -27.03 14.11 -12.54
C LYS C 234 -26.66 12.67 -12.86
N ALA C 235 -25.73 12.48 -13.81
CA ALA C 235 -25.24 11.14 -14.10
C ALA C 235 -24.56 10.54 -12.88
N ARG C 236 -23.91 11.38 -12.08
CA ARG C 236 -23.19 10.86 -10.92
C ARG C 236 -24.14 10.60 -9.75
N LEU C 237 -25.17 11.43 -9.60
CA LEU C 237 -26.11 11.27 -8.50
C LEU C 237 -27.30 10.38 -8.85
N GLN C 238 -27.40 9.91 -10.09
CA GLN C 238 -28.47 8.99 -10.46
C GLN C 238 -28.35 7.68 -9.68
N LYS C 239 -27.19 7.41 -9.09
CA LYS C 239 -27.02 6.21 -8.29
C LYS C 239 -27.57 6.36 -6.87
N PHE C 240 -28.18 7.49 -6.53
CA PHE C 240 -28.63 7.74 -5.17
C PHE C 240 -29.97 8.44 -5.15
N ILE C 241 -30.93 7.95 -5.95
CA ILE C 241 -32.27 8.50 -5.90
C ILE C 241 -33.03 7.94 -4.70
N HIS C 242 -32.91 6.64 -4.46
CA HIS C 242 -33.59 6.03 -3.32
C HIS C 242 -33.05 6.53 -1.98
N LYS C 243 -31.98 7.33 -2.00
CA LYS C 243 -31.38 7.90 -0.80
C LYS C 243 -31.53 9.42 -0.83
N PRO C 244 -32.68 9.97 -0.44
CA PRO C 244 -32.82 11.43 -0.35
C PRO C 244 -31.90 12.01 0.72
N GLY C 245 -31.47 13.25 0.48
CA GLY C 245 -30.49 13.92 1.32
C GLY C 245 -29.06 13.79 0.83
N SER C 246 -28.82 12.94 -0.16
CA SER C 246 -27.48 12.83 -0.74
C SER C 246 -27.12 14.14 -1.45
N TYR C 247 -25.94 14.67 -1.14
CA TYR C 247 -25.51 15.94 -1.69
C TYR C 247 -24.11 15.82 -2.25
N ILE C 248 -23.80 16.69 -3.22
CA ILE C 248 -22.44 16.92 -3.66
C ILE C 248 -22.31 18.42 -3.91
N PHE C 249 -21.08 18.89 -4.10
CA PHE C 249 -20.88 20.29 -4.46
C PHE C 249 -19.77 20.38 -5.49
N ARG C 250 -19.99 21.20 -6.52
CA ARG C 250 -19.08 21.28 -7.65
C ARG C 250 -18.88 22.73 -8.06
N LEU C 251 -17.91 22.93 -8.94
CA LEU C 251 -17.61 24.21 -9.55
C LEU C 251 -18.19 24.26 -10.96
N SER C 252 -18.55 25.47 -11.38
CA SER C 252 -19.08 25.72 -12.71
C SER C 252 -18.02 26.42 -13.54
N CYS C 253 -17.67 25.83 -14.68
CA CYS C 253 -16.76 26.50 -15.62
C CYS C 253 -17.37 27.78 -16.16
N THR C 254 -18.70 27.87 -16.18
CA THR C 254 -19.37 29.07 -16.66
C THR C 254 -19.13 30.24 -15.72
N ARG C 255 -19.24 30.01 -14.42
CA ARG C 255 -18.98 31.04 -13.41
C ARG C 255 -17.85 30.52 -12.51
N LEU C 256 -16.63 30.98 -12.78
CA LEU C 256 -15.53 30.69 -11.88
C LEU C 256 -15.65 31.54 -10.63
N GLY C 257 -15.08 31.05 -9.54
CA GLY C 257 -15.19 31.74 -8.28
C GLY C 257 -16.57 31.70 -7.66
N GLN C 258 -17.43 30.81 -8.14
CA GLN C 258 -18.74 30.57 -7.53
C GLN C 258 -18.88 29.10 -7.23
N TRP C 259 -19.32 28.80 -6.01
CA TRP C 259 -19.56 27.42 -5.60
C TRP C 259 -20.95 26.97 -6.07
N ALA C 260 -21.10 25.66 -6.18
CA ALA C 260 -22.36 25.03 -6.58
C ALA C 260 -22.64 23.85 -5.67
N ILE C 261 -23.91 23.66 -5.30
CA ILE C 261 -24.31 22.55 -4.46
C ILE C 261 -25.51 21.87 -5.11
N GLU C 262 -25.47 20.54 -5.18
CA GLU C 262 -26.57 19.75 -5.71
C GLU C 262 -26.98 18.73 -4.66
N TYR C 263 -28.27 18.50 -4.50
CA TYR C 263 -28.74 17.54 -3.52
C TYR C 263 -30.05 16.90 -4.00
N VAL C 264 -30.38 15.76 -3.40
CA VAL C 264 -31.58 15.00 -3.72
C VAL C 264 -32.61 15.25 -2.63
N THR C 265 -33.87 15.38 -3.03
CA THR C 265 -34.97 15.61 -2.10
C THR C 265 -35.73 14.31 -1.84
N ALA C 266 -36.66 14.39 -0.88
CA ALA C 266 -37.46 13.21 -0.54
C ALA C 266 -38.35 12.79 -1.70
N ASP C 267 -38.71 13.73 -2.57
CA ASP C 267 -39.55 13.39 -3.72
C ASP C 267 -38.84 12.44 -4.69
N GLY C 268 -37.51 12.54 -4.78
CA GLY C 268 -36.75 11.85 -5.79
C GLY C 268 -36.18 12.77 -6.85
N ASN C 269 -36.33 14.07 -6.70
CA ASN C 269 -35.78 15.04 -7.63
C ASN C 269 -34.40 15.51 -7.16
N ILE C 270 -33.60 15.99 -8.10
CA ILE C 270 -32.30 16.58 -7.80
C ILE C 270 -32.41 18.08 -8.01
N LEU C 271 -32.19 18.84 -6.94
CA LEU C 271 -32.26 20.29 -6.99
C LEU C 271 -30.94 20.87 -6.51
N GLN C 272 -30.61 22.06 -7.00
CA GLN C 272 -29.34 22.68 -6.68
C GLN C 272 -29.56 24.00 -5.96
N THR C 273 -28.57 24.35 -5.14
CA THR C 273 -28.53 25.59 -4.38
C THR C 273 -27.14 26.19 -4.53
N ILE C 274 -27.07 27.51 -4.53
CA ILE C 274 -25.83 28.24 -4.73
C ILE C 274 -25.61 29.15 -3.54
N PRO C 275 -24.43 29.16 -2.93
CA PRO C 275 -24.19 30.05 -1.80
C PRO C 275 -23.72 31.44 -2.21
N HIS C 276 -24.66 32.37 -2.38
CA HIS C 276 -24.29 33.77 -2.58
C HIS C 276 -23.82 34.39 -1.28
N ASN C 277 -24.59 34.20 -0.22
CA ASN C 277 -24.20 34.74 1.08
C ASN C 277 -23.70 33.67 2.06
N LYS C 278 -22.54 33.93 2.64
CA LYS C 278 -21.84 33.07 3.62
C LYS C 278 -20.79 32.14 3.04
N PRO C 279 -19.81 31.71 3.92
CA PRO C 279 -18.79 30.84 3.33
C PRO C 279 -19.29 29.44 3.07
N LEU C 280 -18.53 28.73 2.27
CA LEU C 280 -18.91 27.38 1.84
C LEU C 280 -19.19 26.47 3.03
N PHE C 281 -18.30 26.48 4.03
CA PHE C 281 -18.57 25.68 5.21
C PHE C 281 -19.81 26.18 5.94
N GLN C 282 -20.05 27.48 5.90
CA GLN C 282 -21.23 28.03 6.60
C GLN C 282 -22.51 27.66 5.87
N ALA C 283 -22.53 27.82 4.54
CA ALA C 283 -23.67 27.30 3.78
C ALA C 283 -23.84 25.80 4.00
N LEU C 284 -22.74 25.04 3.94
CA LEU C 284 -22.81 23.59 4.13
C LEU C 284 -23.38 23.24 5.51
N ILE C 285 -22.84 23.85 6.56
CA ILE C 285 -23.32 23.51 7.89
C ILE C 285 -24.81 23.86 8.00
N ASP C 286 -25.22 25.06 7.54
CA ASP C 286 -26.66 25.36 7.51
C ASP C 286 -27.43 24.26 6.82
N GLY C 287 -26.88 23.71 5.73
CA GLY C 287 -27.58 22.67 5.01
C GLY C 287 -27.77 21.37 5.78
N PHE C 288 -26.73 20.93 6.52
CA PHE C 288 -26.81 19.72 7.35
C PHE C 288 -27.67 19.96 8.59
N ARG C 289 -27.56 21.14 9.21
CA ARG C 289 -28.49 21.53 10.27
C ARG C 289 -29.93 21.50 9.79
N GLU C 290 -30.16 21.82 8.52
CA GLU C 290 -31.52 22.00 8.00
C GLU C 290 -32.12 20.66 7.60
N GLY C 291 -31.27 19.74 7.13
CA GLY C 291 -31.68 18.39 6.79
C GLY C 291 -31.58 18.06 5.31
N PHE C 292 -30.78 18.81 4.55
CA PHE C 292 -30.67 18.56 3.12
C PHE C 292 -29.33 17.95 2.73
N TYR C 293 -28.22 18.46 3.26
CA TYR C 293 -26.89 17.97 2.90
C TYR C 293 -26.52 16.92 3.94
N LEU C 294 -26.83 15.67 3.64
CA LEU C 294 -26.73 14.59 4.62
C LEU C 294 -25.74 13.50 4.23
N PHE C 295 -25.56 13.25 2.94
CA PHE C 295 -24.69 12.18 2.47
C PHE C 295 -23.82 12.70 1.33
N PRO C 296 -22.56 13.01 1.55
CA PRO C 296 -21.66 13.47 0.48
C PRO C 296 -21.41 12.35 -0.53
N ASP C 297 -21.91 12.55 -1.75
CA ASP C 297 -21.80 11.54 -2.81
C ASP C 297 -22.48 10.24 -2.38
N GLY C 298 -23.60 10.37 -1.67
CA GLY C 298 -24.29 9.21 -1.16
C GLY C 298 -23.51 8.41 -0.13
N ARG C 299 -22.78 9.09 0.74
CA ARG C 299 -21.95 8.45 1.74
C ARG C 299 -22.37 8.92 3.13
N ASN C 300 -22.54 7.98 4.05
CA ASN C 300 -23.27 8.28 5.29
C ASN C 300 -22.53 9.30 6.15
N GLN C 301 -21.22 9.12 6.31
CA GLN C 301 -20.47 9.98 7.21
C GLN C 301 -20.36 11.40 6.66
N ASN C 302 -20.59 12.37 7.54
CA ASN C 302 -20.40 13.77 7.24
C ASN C 302 -19.31 14.33 8.14
N PRO C 303 -18.20 14.81 7.61
CA PRO C 303 -17.18 15.43 8.47
C PRO C 303 -17.69 16.71 9.12
N ASP C 304 -17.11 17.02 10.27
CA ASP C 304 -17.41 18.25 10.98
C ASP C 304 -16.39 19.32 10.61
N LEU C 305 -16.88 20.48 10.17
CA LEU C 305 -16.02 21.58 9.76
C LEU C 305 -15.93 22.63 10.86
N VAL D 6 -8.81 6.64 -6.87
CA VAL D 6 -7.93 5.50 -6.66
C VAL D 6 -7.50 4.91 -8.00
N PRO D 7 -6.22 5.11 -8.37
CA PRO D 7 -5.67 4.36 -9.50
C PRO D 7 -5.82 2.87 -9.26
N THR D 8 -6.33 2.17 -10.26
CA THR D 8 -6.72 0.77 -10.12
C THR D 8 -5.77 -0.14 -10.89
N LYS D 9 -5.42 -1.27 -10.27
CA LYS D 9 -4.61 -2.32 -10.88
C LYS D 9 -3.26 -1.79 -11.36
N LEU D 10 -2.43 -1.41 -10.38
CA LEU D 10 -1.09 -0.94 -10.64
C LEU D 10 -0.13 -2.13 -10.75
N GLU D 11 0.65 -2.18 -11.83
CA GLU D 11 1.58 -3.28 -12.03
C GLU D 11 2.74 -2.81 -12.90
N VAL D 12 3.87 -3.49 -12.76
CA VAL D 12 5.05 -3.22 -13.58
C VAL D 12 5.03 -4.17 -14.77
N VAL D 13 5.24 -3.61 -15.96
CA VAL D 13 5.13 -4.39 -17.20
C VAL D 13 6.44 -4.47 -17.97
N ALA D 14 7.39 -3.56 -17.76
CA ALA D 14 8.71 -3.64 -18.37
C ALA D 14 9.76 -3.37 -17.31
N ALA D 15 10.82 -4.18 -17.31
CA ALA D 15 11.80 -4.13 -16.24
C ALA D 15 13.21 -4.22 -16.80
N THR D 16 14.08 -3.33 -16.30
CA THR D 16 15.52 -3.36 -16.46
C THR D 16 16.09 -3.08 -15.08
N PRO D 17 17.32 -3.57 -14.79
CA PRO D 17 17.87 -3.43 -13.43
C PRO D 17 17.81 -2.02 -12.86
N THR D 18 17.66 -1.01 -13.72
CA THR D 18 17.57 0.38 -13.27
C THR D 18 16.30 1.09 -13.69
N SER D 19 15.43 0.47 -14.50
CA SER D 19 14.25 1.15 -15.01
C SER D 19 13.02 0.27 -14.87
N LEU D 20 11.89 0.88 -14.52
CA LEU D 20 10.63 0.17 -14.35
C LEU D 20 9.52 0.93 -15.07
N LEU D 21 8.75 0.22 -15.88
CA LEU D 21 7.58 0.78 -16.55
C LEU D 21 6.34 0.37 -15.77
N ILE D 22 5.77 1.33 -15.05
CA ILE D 22 4.58 1.10 -14.23
C ILE D 22 3.35 1.49 -15.04
N SER D 23 2.34 0.61 -15.02
CA SER D 23 1.12 0.81 -15.79
C SER D 23 -0.08 0.60 -14.88
N TRP D 24 -0.94 1.61 -14.79
CA TRP D 24 -2.17 1.54 -14.03
C TRP D 24 -3.34 1.84 -14.95
N ASP D 25 -4.53 1.40 -14.53
CA ASP D 25 -5.74 1.67 -15.29
C ASP D 25 -6.26 3.06 -14.98
N ALA D 26 -6.70 3.75 -16.02
CA ALA D 26 -7.31 5.07 -15.85
C ALA D 26 -8.67 4.89 -15.19
N PRO D 27 -8.95 5.58 -14.09
CA PRO D 27 -10.25 5.45 -13.44
C PRO D 27 -11.34 6.10 -14.26
N ALA D 28 -12.59 5.73 -13.95
CA ALA D 28 -13.74 6.31 -14.64
C ALA D 28 -13.83 7.81 -14.37
N VAL D 29 -13.48 8.24 -13.15
CA VAL D 29 -13.43 9.65 -12.84
C VAL D 29 -12.22 10.28 -13.52
N THR D 30 -12.32 11.56 -13.85
CA THR D 30 -11.26 12.25 -14.55
C THR D 30 -10.07 12.51 -13.63
N VAL D 31 -8.88 12.58 -14.22
CA VAL D 31 -7.64 12.84 -13.49
C VAL D 31 -6.89 13.95 -14.23
N PHE D 32 -6.63 15.05 -13.54
CA PHE D 32 -5.85 16.12 -14.15
C PHE D 32 -4.37 15.77 -14.14
N TYR D 33 -3.89 15.18 -13.05
CA TYR D 33 -2.48 14.80 -12.95
C TYR D 33 -2.36 13.62 -12.00
N TYR D 34 -1.40 12.72 -12.29
CA TYR D 34 -1.04 11.63 -11.40
C TYR D 34 0.25 11.96 -10.68
N TYR D 35 0.34 11.54 -9.41
CA TYR D 35 1.48 11.83 -8.56
C TYR D 35 2.15 10.53 -8.15
N ILE D 36 3.44 10.39 -8.43
CA ILE D 36 4.15 9.14 -8.24
C ILE D 36 5.32 9.37 -7.30
N THR D 37 5.43 8.53 -6.27
CA THR D 37 6.55 8.58 -5.32
C THR D 37 7.13 7.18 -5.18
N TYR D 38 8.39 7.02 -5.53
CA TYR D 38 9.09 5.76 -5.34
C TYR D 38 10.23 5.97 -4.36
N GLY D 39 10.29 5.12 -3.35
CA GLY D 39 11.32 5.24 -2.32
C GLY D 39 11.74 3.89 -1.81
N GLU D 40 12.99 3.83 -1.32
CA GLU D 40 13.55 2.58 -0.85
C GLU D 40 12.77 2.06 0.36
N THR D 41 12.39 0.78 0.29
CA THR D 41 11.57 0.20 1.35
C THR D 41 12.35 0.15 2.66
N GLY D 42 11.76 0.69 3.73
CA GLY D 42 12.46 0.74 4.99
C GLY D 42 13.71 1.62 4.99
N GLY D 43 13.91 2.40 3.96
CA GLY D 43 15.09 3.27 3.85
C GLY D 43 14.77 4.64 4.32
N ASN D 44 15.59 5.16 5.24
CA ASN D 44 15.35 6.46 5.87
C ASN D 44 15.51 7.62 4.91
N SER D 45 15.83 7.38 3.64
CA SER D 45 16.03 8.48 2.70
C SER D 45 14.68 8.99 2.19
N PRO D 46 14.55 10.30 1.97
CA PRO D 46 13.29 10.81 1.40
C PRO D 46 13.01 10.22 0.02
N VAL D 47 11.75 9.82 -0.18
CA VAL D 47 11.36 9.16 -1.42
C VAL D 47 11.49 10.12 -2.58
N GLN D 48 11.78 9.58 -3.76
CA GLN D 48 11.76 10.37 -4.98
C GLN D 48 10.33 10.56 -5.44
N GLU D 49 10.07 11.73 -6.06
CA GLU D 49 8.72 12.13 -6.41
C GLU D 49 8.72 12.80 -7.77
N PHE D 50 7.64 12.57 -8.51
CA PHE D 50 7.43 13.24 -9.80
C PHE D 50 5.95 13.16 -10.14
N THR D 51 5.58 13.83 -11.23
CA THR D 51 4.20 13.89 -11.69
C THR D 51 4.12 13.49 -13.15
N VAL D 52 2.94 13.01 -13.55
CA VAL D 52 2.66 12.73 -14.96
C VAL D 52 1.27 13.28 -15.28
N PRO D 53 1.02 13.57 -16.55
CA PRO D 53 -0.31 14.08 -16.93
C PRO D 53 -1.39 13.05 -16.70
N GLY D 54 -2.61 13.54 -16.51
CA GLY D 54 -3.74 12.64 -16.30
C GLY D 54 -4.05 11.79 -17.52
N SER D 55 -3.55 12.16 -18.69
CA SER D 55 -3.82 11.39 -19.88
C SER D 55 -3.11 10.03 -19.85
N LYS D 56 -1.92 9.99 -19.26
CA LYS D 56 -1.08 8.81 -19.33
C LYS D 56 -1.52 7.76 -18.31
N SER D 57 -1.49 6.50 -18.74
CA SER D 57 -1.72 5.38 -17.85
C SER D 57 -0.44 4.64 -17.52
N THR D 58 0.69 5.03 -18.11
CA THR D 58 1.97 4.38 -17.88
C THR D 58 3.03 5.45 -17.64
N ALA D 59 4.01 5.11 -16.81
CA ALA D 59 5.16 5.97 -16.57
C ALA D 59 6.41 5.11 -16.44
N THR D 60 7.56 5.76 -16.56
CA THR D 60 8.84 5.05 -16.48
C THR D 60 9.71 5.70 -15.42
N ILE D 61 10.17 4.88 -14.48
CA ILE D 61 11.09 5.32 -13.42
C ILE D 61 12.48 4.85 -13.80
N SER D 62 13.42 5.80 -13.88
CA SER D 62 14.81 5.51 -14.18
C SER D 62 15.70 6.01 -13.05
N GLY D 63 16.91 5.45 -12.98
CA GLY D 63 17.85 5.80 -11.94
C GLY D 63 17.61 5.04 -10.65
N LEU D 64 17.52 3.72 -10.75
CA LEU D 64 17.30 2.85 -9.62
C LEU D 64 18.52 1.99 -9.37
N LYS D 65 18.90 1.85 -8.12
CA LYS D 65 19.93 0.87 -7.77
C LYS D 65 19.39 -0.52 -8.07
N PRO D 66 20.02 -1.29 -8.95
CA PRO D 66 19.62 -2.69 -9.10
C PRO D 66 19.73 -3.41 -7.76
N GLY D 67 18.81 -4.35 -7.54
CA GLY D 67 18.85 -5.17 -6.35
C GLY D 67 18.33 -4.53 -5.08
N VAL D 68 17.26 -3.74 -5.19
CA VAL D 68 16.64 -3.09 -4.04
C VAL D 68 15.13 -3.25 -4.17
N ASP D 69 14.47 -3.48 -3.03
CA ASP D 69 13.00 -3.49 -2.99
C ASP D 69 12.53 -2.07 -2.75
N TYR D 70 12.00 -1.44 -3.79
CA TYR D 70 11.40 -0.11 -3.68
C TYR D 70 9.91 -0.23 -3.45
N THR D 71 9.36 0.77 -2.76
CA THR D 71 7.94 0.96 -2.54
C THR D 71 7.49 2.15 -3.39
N ILE D 72 6.54 1.90 -4.28
CA ILE D 72 6.03 2.90 -5.21
C ILE D 72 4.58 3.16 -4.86
N THR D 73 4.24 4.43 -4.70
CA THR D 73 2.89 4.88 -4.36
C THR D 73 2.41 5.82 -5.45
N VAL D 74 1.16 5.62 -5.89
CA VAL D 74 0.54 6.36 -6.98
C VAL D 74 -0.70 7.04 -6.45
N TYR D 75 -0.87 8.32 -6.82
CA TYR D 75 -2.02 9.14 -6.48
C TYR D 75 -2.69 9.63 -7.75
N ALA D 76 -4.02 9.70 -7.70
CA ALA D 76 -4.82 10.40 -8.70
C ALA D 76 -5.14 11.80 -8.21
N MET D 77 -5.10 12.77 -9.13
CA MET D 77 -5.24 14.17 -8.79
C MET D 77 -6.24 14.83 -9.73
N TYR D 78 -7.37 15.25 -9.18
CA TYR D 78 -8.34 16.16 -9.76
C TYR D 78 -8.10 17.55 -9.18
N TYR D 79 -8.73 18.56 -9.78
CA TYR D 79 -8.59 19.92 -9.29
C TYR D 79 -8.99 20.01 -7.82
N GLY D 80 -8.00 20.23 -6.95
CA GLY D 80 -8.26 20.29 -5.53
C GLY D 80 -8.81 19.00 -4.94
N LYS D 81 -8.22 17.87 -5.31
CA LYS D 81 -8.73 16.58 -4.85
C LYS D 81 -7.59 15.56 -4.95
N VAL D 82 -7.43 14.77 -3.90
CA VAL D 82 -6.44 13.71 -3.87
C VAL D 82 -7.16 12.42 -3.52
N TYR D 83 -7.25 11.50 -4.48
CA TYR D 83 -7.93 10.25 -4.25
C TYR D 83 -7.03 9.29 -3.48
N SER D 84 -7.62 8.18 -3.03
CA SER D 84 -6.89 7.19 -2.26
C SER D 84 -5.78 6.59 -3.11
N PRO D 85 -4.54 6.52 -2.59
CA PRO D 85 -3.42 6.04 -3.40
C PRO D 85 -3.40 4.52 -3.47
N ILE D 86 -2.45 4.01 -4.27
CA ILE D 86 -2.21 2.57 -4.37
C ILE D 86 -0.71 2.34 -4.41
N SER D 87 -0.26 1.21 -3.87
CA SER D 87 1.15 0.95 -3.67
C SER D 87 1.54 -0.43 -4.19
N ILE D 88 2.79 -0.54 -4.66
CA ILE D 88 3.40 -1.83 -5.01
C ILE D 88 4.86 -1.80 -4.56
N ASN D 89 5.42 -2.99 -4.34
CA ASN D 89 6.83 -3.13 -3.98
C ASN D 89 7.51 -4.01 -5.02
N TYR D 90 8.64 -3.55 -5.55
CA TYR D 90 9.37 -4.32 -6.55
C TYR D 90 10.82 -4.45 -6.13
N ARG D 91 11.34 -5.67 -6.21
CA ARG D 91 12.73 -5.98 -5.89
C ARG D 91 13.50 -6.10 -7.21
N THR D 92 14.42 -5.17 -7.45
CA THR D 92 15.09 -5.05 -8.74
C THR D 92 16.36 -5.90 -8.86
#